data_8ZHQ
#
_entry.id   8ZHQ
#
_cell.length_a   1.00
_cell.length_b   1.00
_cell.length_c   1.00
_cell.angle_alpha   90.00
_cell.angle_beta   90.00
_cell.angle_gamma   90.00
#
_symmetry.space_group_name_H-M   'P 1'
#
loop_
_entity.id
_entity.type
_entity.pdbx_description
1 polymer 'JK-12 Fab light chain'
2 polymer 'JK-8 Fab light chain'
3 polymer 'JK-8 Fab heavy chain'
4 polymer 'JK-12 Fab heavy chain'
5 polymer 'Envelopment polyprotein'
6 branched alpha-D-mannopyranose-(1-4)-2-acetamido-2-deoxy-beta-D-glucopyranose-(1-4)-2-acetamido-2-deoxy-beta-D-glucopyranose
7 branched 2-acetamido-2-deoxy-beta-D-glucopyranose-(1-4)-2-acetamido-2-deoxy-beta-D-glucopyranose
8 non-polymer 2-acetamido-2-deoxy-beta-D-glucopyranose
#
loop_
_entity_poly.entity_id
_entity_poly.type
_entity_poly.pdbx_seq_one_letter_code
_entity_poly.pdbx_strand_id
1 'polypeptide(L)'
;SELTQDPAVSVALGQTVRITCQGDTLRRHYAAWYQQKPGQAPVLVIYDKNTRPSGIPDRFSGSSSGNTASLTITGAQAED
EADYYCNSRDSSDNLHVVFGGGTKLTVLGQPKAAPSVTLFPPSSEELQANKATLVCLISDFYPGAVTVAWKADSSPVKAG
VETTTPSKQSNNKYAASSYLSLTPEQWKSHRSYSCQVTHEGSTVEKTVAP
;
A
2 'polypeptide(L)'
;DIQMTQSPSSLSASVGDRVSITCRASQTISTYLNWYQQKPGRAPKLLIYGASSLQSGVPSRFSGSGSGTDFTLTISSLQP
EDFATYYCQESDSPSFTFGQGTKVQIKRTVAAPSVFIFPPSDEQLKSGTASVVCLLNNFYPREAKVQWKVDNALQSGNSQ
ESVTEQDSKDSTYSLSSTLTLSKADYEKHKVYACEVTHQGLSSPVTKSFNRG
;
B
3 'polypeptide(L)'
;EVQLVESGGGLVQPGGSLRLSCAASGIIVSDNYMSWVRQAPGKGLEWVSVIYTGGSTFYADSVKGRFTISRDRSKNTLDL
QMNSLSAEDTAVYYCARALGAYDYAFDLWGQGNLVTVSSASTKGPSVFPLAPSSKSTSGGTAALGCLVKDYFPEPVTVSW
NSGALTSGVHTFPAVLQSSGLYSLSSVVTVPSSSLGTQTYICNVNHKPSNTKVDKKVEP
;
C
4 'polypeptide(L)'
;EVQLVQPGAEVKKPGESLKISCKGSGYNFSNNWIGWVRQMPGKGLEYMGIIYPGDSDTRYNPSFKGQVTMSADRSISTAY
LQWSSLKASDTAIYYCARLYRRGWTTDAFDIWGQGTRVTASSASTKGPSVFPLAPSSKSTSGGTAALGCLVKDYFPEPVT
VSWNSGALTSGVHTFPAVLQSSGLYSLSSVVTVPSSSLGTQTYICNVNHK
;
D
5 'polypeptide(L)'
;DSGPIICAGPIHSNKSADIPHLLGYSEKICQIDRLIHVSSWLRNHSQFQGYVGQRGGRSQVSYYPAENSYSRWSGLLSPC
DADWLGMLVVKKAKGSDMIVPGPSYKGKVFFERPTFDGYVGWGCGSGKSRTESGELCSSDSGTSSGLLPSNRVLWIGDVA
CQPMTPIPEETFLELKSFSQSEFPDICKIDGIVFNQCEGESLPQPFDVAWMDVGHSHKIIMREHKTKWVQESSSKDFVCY
KEGTGPCSESEEKTCKTSGSCRGDMQFCKVAGCEHGEEASEAKCRCSLVHKPGEVVVSYGGMRVRPKCYGFSRMMATLEV
NGLNDIFEAQKIEWHEAAAHHHHHHHH
;
E
#
loop_
_chem_comp.id
_chem_comp.type
_chem_comp.name
_chem_comp.formula
MAN D-saccharide, alpha linking alpha-D-mannopyranose 'C6 H12 O6'
NAG D-saccharide, beta linking 2-acetamido-2-deoxy-beta-D-glucopyranose 'C8 H15 N O6'
#
# COMPACT_ATOMS: atom_id res chain seq x y z
N SER A 1 14.10 -6.32 24.69
CA SER A 1 15.38 -7.03 24.68
C SER A 1 16.23 -6.62 25.88
N GLU A 2 17.54 -6.76 25.73
CA GLU A 2 18.48 -6.37 26.78
C GLU A 2 19.64 -5.52 26.28
N LEU A 3 19.96 -5.55 24.99
CA LEU A 3 21.03 -4.72 24.41
C LEU A 3 22.37 -4.99 25.08
N THR A 4 22.86 -6.22 24.91
CA THR A 4 24.14 -6.59 25.48
C THR A 4 25.27 -5.85 24.79
N GLN A 5 26.28 -5.48 25.57
CA GLN A 5 27.48 -4.82 25.05
C GLN A 5 28.71 -5.45 25.66
N ASP A 6 29.82 -5.37 24.93
CA ASP A 6 31.09 -5.79 25.48
C ASP A 6 31.49 -4.82 26.60
N PRO A 7 31.84 -5.31 27.79
CA PRO A 7 32.18 -4.40 28.88
C PRO A 7 33.36 -3.49 28.56
N ALA A 8 34.27 -3.91 27.68
CA ALA A 8 35.40 -3.07 27.31
C ALA A 8 35.78 -3.39 25.87
N VAL A 9 36.39 -2.40 25.22
CA VAL A 9 36.89 -2.54 23.86
C VAL A 9 38.37 -2.16 23.88
N SER A 10 39.19 -3.00 23.24
CA SER A 10 40.64 -2.84 23.30
C SER A 10 41.06 -1.49 22.72
N VAL A 11 42.26 -1.06 23.09
CA VAL A 11 42.81 0.22 22.65
C VAL A 11 43.02 0.16 21.14
N ALA A 12 42.24 0.92 20.41
CA ALA A 12 42.36 0.98 18.95
C ALA A 12 43.18 2.17 18.49
N LEU A 13 44.36 2.37 19.10
CA LEU A 13 45.33 3.40 18.72
C LEU A 13 44.70 4.69 18.20
N GLY A 14 44.98 5.03 16.95
CA GLY A 14 44.29 6.10 16.25
C GLY A 14 43.45 5.55 15.13
N GLN A 15 43.15 4.26 15.21
CA GLN A 15 42.43 3.54 14.16
C GLN A 15 40.92 3.68 14.37
N THR A 16 40.16 2.86 13.64
CA THR A 16 38.71 2.92 13.67
C THR A 16 38.16 1.91 14.67
N VAL A 17 37.23 2.35 15.51
CA VAL A 17 36.59 1.51 16.51
C VAL A 17 35.15 1.24 16.07
N ARG A 18 34.63 0.08 16.47
CA ARG A 18 33.32 -0.40 16.02
C ARG A 18 32.51 -0.88 17.24
N ILE A 19 32.33 0.02 18.21
CA ILE A 19 31.58 -0.35 19.40
C ILE A 19 30.22 -0.88 18.99
N THR A 20 29.83 -2.02 19.52
CA THR A 20 28.63 -2.70 19.05
C THR A 20 27.75 -3.11 20.21
N CYS A 21 26.43 -3.06 19.98
CA CYS A 21 25.47 -3.57 20.93
C CYS A 21 24.38 -4.32 20.17
N GLN A 22 23.99 -5.48 20.69
CA GLN A 22 23.10 -6.37 19.98
C GLN A 22 21.88 -6.70 20.82
N GLY A 23 20.74 -6.84 20.15
CA GLY A 23 19.50 -7.17 20.82
C GLY A 23 18.40 -7.42 19.79
N ASP A 24 17.32 -8.03 20.28
CA ASP A 24 16.20 -8.34 19.39
C ASP A 24 15.55 -7.05 18.89
N THR A 25 15.29 -6.11 19.80
CA THR A 25 14.59 -4.88 19.43
C THR A 25 15.36 -4.06 18.39
N LEU A 26 16.66 -4.29 18.24
CA LEU A 26 17.43 -3.56 17.24
C LEU A 26 17.13 -4.00 15.82
N ARG A 27 16.35 -5.07 15.64
CA ARG A 27 15.94 -5.45 14.30
C ARG A 27 15.06 -4.38 13.66
N ARG A 28 14.14 -3.80 14.45
CA ARG A 28 13.18 -2.84 13.93
C ARG A 28 13.37 -1.43 14.45
N HIS A 29 14.15 -1.23 15.52
CA HIS A 29 14.34 0.08 16.12
C HIS A 29 15.80 0.50 16.00
N TYR A 30 16.02 1.77 15.72
CA TYR A 30 17.37 2.31 15.73
C TYR A 30 17.88 2.41 17.16
N ALA A 31 19.20 2.40 17.30
CA ALA A 31 19.85 2.51 18.59
C ALA A 31 20.45 3.90 18.74
N ALA A 32 20.11 4.57 19.84
CA ALA A 32 20.71 5.84 20.19
C ALA A 32 21.95 5.59 21.04
N TRP A 33 23.06 6.19 20.63
CA TRP A 33 24.34 6.03 21.28
C TRP A 33 24.70 7.30 22.02
N TYR A 34 24.99 7.17 23.31
CA TYR A 34 25.43 8.25 24.18
C TYR A 34 26.83 7.95 24.67
N GLN A 35 27.60 9.00 24.91
CA GLN A 35 28.94 8.87 25.47
C GLN A 35 29.01 9.63 26.78
N GLN A 36 29.80 9.08 27.70
CA GLN A 36 29.97 9.68 29.03
C GLN A 36 31.45 9.66 29.38
N LYS A 37 32.07 10.83 29.37
CA LYS A 37 33.40 10.97 29.93
C LYS A 37 33.31 10.87 31.46
N PRO A 38 34.39 10.45 32.13
CA PRO A 38 34.29 10.25 33.58
C PRO A 38 34.28 11.57 34.33
N GLY A 39 33.17 11.82 35.04
CA GLY A 39 32.97 13.08 35.73
C GLY A 39 32.01 14.03 35.05
N GLN A 40 31.39 13.63 33.94
CA GLN A 40 30.46 14.48 33.21
C GLN A 40 29.19 13.72 32.91
N ALA A 41 28.13 14.47 32.61
CA ALA A 41 26.86 13.88 32.25
C ALA A 41 26.95 13.22 30.87
N PRO A 42 26.14 12.19 30.62
CA PRO A 42 26.15 11.56 29.30
C PRO A 42 25.72 12.54 28.21
N VAL A 43 26.29 12.35 27.03
CA VAL A 43 26.03 13.20 25.87
C VAL A 43 25.58 12.31 24.72
N LEU A 44 24.41 12.62 24.16
CA LEU A 44 23.92 11.87 23.00
C LEU A 44 24.79 12.17 21.79
N VAL A 45 25.36 11.13 21.19
CA VAL A 45 26.23 11.31 20.04
C VAL A 45 25.59 10.84 18.75
N ILE A 46 24.74 9.81 18.78
CA ILE A 46 24.01 9.37 17.60
C ILE A 46 22.59 9.03 18.02
N TYR A 47 21.61 9.41 17.21
CA TYR A 47 20.23 9.14 17.63
C TYR A 47 19.33 8.63 16.51
N ASP A 48 19.88 8.23 15.37
CA ASP A 48 19.07 7.67 14.29
C ASP A 48 19.95 6.68 13.54
N LYS A 49 19.56 6.36 12.30
CA LYS A 49 20.41 5.52 11.47
C LYS A 49 21.83 6.08 11.40
N ASN A 50 21.96 7.37 11.08
CA ASN A 50 23.24 8.04 11.19
C ASN A 50 23.13 9.48 11.67
N THR A 51 21.93 9.95 12.00
CA THR A 51 21.77 11.36 12.36
C THR A 51 22.59 11.68 13.61
N ARG A 52 23.27 12.82 13.57
CA ARG A 52 24.22 13.20 14.60
C ARG A 52 23.89 14.60 15.10
N PRO A 53 23.74 14.78 16.41
CA PRO A 53 23.45 16.13 16.94
C PRO A 53 24.58 17.10 16.65
N SER A 54 24.22 18.37 16.52
CA SER A 54 25.21 19.41 16.23
C SER A 54 26.21 19.52 17.38
N GLY A 55 27.48 19.67 17.02
CA GLY A 55 28.57 19.74 17.98
C GLY A 55 29.31 18.43 18.16
N ILE A 56 28.70 17.31 17.79
CA ILE A 56 29.38 16.01 17.86
C ILE A 56 30.29 15.86 16.66
N PRO A 57 31.55 15.47 16.86
CA PRO A 57 32.47 15.32 15.73
C PRO A 57 31.94 14.33 14.70
N ASP A 58 32.23 14.61 13.43
CA ASP A 58 31.72 13.81 12.32
C ASP A 58 32.28 12.41 12.27
N ARG A 59 33.33 12.10 13.05
CA ARG A 59 33.91 10.77 13.03
C ARG A 59 32.95 9.73 13.59
N PHE A 60 32.02 10.15 14.44
CA PHE A 60 31.03 9.21 14.96
C PHE A 60 29.98 8.91 13.89
N SER A 61 29.73 7.62 13.67
CA SER A 61 28.72 7.20 12.71
C SER A 61 27.93 6.04 13.29
N GLY A 62 26.70 5.90 12.83
CA GLY A 62 25.83 4.82 13.28
C GLY A 62 25.50 3.88 12.13
N SER A 63 25.40 2.60 12.45
CA SER A 63 25.06 1.61 11.43
C SER A 63 24.23 0.50 12.07
N SER A 64 23.38 -0.11 11.25
CA SER A 64 22.55 -1.23 11.68
C SER A 64 22.77 -2.39 10.72
N SER A 65 22.99 -3.58 11.28
CA SER A 65 23.26 -4.77 10.47
C SER A 65 22.23 -5.87 10.69
N GLY A 66 21.19 -5.62 11.48
CA GLY A 66 20.21 -6.64 11.78
C GLY A 66 20.58 -7.36 13.06
N ASN A 67 19.76 -7.19 14.10
CA ASN A 67 19.96 -7.72 15.45
C ASN A 67 21.14 -7.05 16.15
N THR A 68 21.88 -6.18 15.48
CA THR A 68 23.03 -5.53 16.07
C THR A 68 23.16 -4.13 15.49
N ALA A 69 23.62 -3.21 16.34
CA ALA A 69 23.88 -1.83 15.94
C ALA A 69 25.29 -1.47 16.34
N SER A 70 25.90 -0.58 15.56
CA SER A 70 27.30 -0.24 15.72
C SER A 70 27.49 1.26 15.71
N LEU A 71 28.23 1.76 16.68
CA LEU A 71 28.79 3.11 16.66
C LEU A 71 30.25 3.00 16.23
N THR A 72 30.57 3.65 15.11
CA THR A 72 31.88 3.59 14.50
C THR A 72 32.58 4.92 14.70
N ILE A 73 33.81 4.85 15.21
CA ILE A 73 34.65 6.03 15.43
C ILE A 73 35.84 5.90 14.49
N THR A 74 35.83 6.67 13.40
CA THR A 74 36.90 6.58 12.41
C THR A 74 38.24 6.97 13.02
N GLY A 75 38.37 8.22 13.45
CA GLY A 75 39.60 8.68 14.08
C GLY A 75 39.51 8.68 15.59
N ALA A 76 40.08 7.65 16.22
CA ALA A 76 40.00 7.48 17.67
C ALA A 76 41.18 8.21 18.31
N GLN A 77 40.94 9.41 18.79
CA GLN A 77 41.93 10.19 19.51
C GLN A 77 41.66 10.11 21.01
N ALA A 78 42.40 10.91 21.79
CA ALA A 78 42.25 10.88 23.24
C ALA A 78 40.88 11.36 23.69
N GLU A 79 40.14 12.06 22.84
CA GLU A 79 38.84 12.58 23.23
C GLU A 79 37.81 11.47 23.41
N ASP A 80 37.97 10.36 22.69
CA ASP A 80 36.94 9.33 22.64
C ASP A 80 37.00 8.35 23.80
N GLU A 81 37.97 8.48 24.70
CA GLU A 81 38.06 7.58 25.85
C GLU A 81 36.91 7.89 26.80
N ALA A 82 35.85 7.09 26.73
CA ALA A 82 34.66 7.32 27.54
C ALA A 82 33.85 6.03 27.59
N ASP A 83 32.72 6.08 28.28
CA ASP A 83 31.79 4.97 28.35
C ASP A 83 30.66 5.20 27.36
N TYR A 84 30.45 4.23 26.48
CA TYR A 84 29.46 4.37 25.41
C TYR A 84 28.27 3.45 25.69
N TYR A 85 27.07 4.02 25.68
CA TYR A 85 25.86 3.29 25.96
C TYR A 85 24.93 3.35 24.77
N CYS A 86 24.22 2.26 24.52
CA CYS A 86 23.20 2.21 23.49
C CYS A 86 21.85 1.99 24.15
N ASN A 87 20.84 2.69 23.66
CA ASN A 87 19.47 2.52 24.14
C ASN A 87 18.55 2.44 22.94
N SER A 88 17.40 1.79 23.13
CA SER A 88 16.48 1.59 22.03
C SER A 88 15.07 1.42 22.59
N ARG A 89 14.12 1.32 21.68
CA ARG A 89 12.74 1.05 22.05
C ARG A 89 12.62 -0.37 22.59
N ASP A 90 11.81 -0.53 23.63
CA ASP A 90 11.54 -1.87 24.15
C ASP A 90 10.71 -2.65 23.14
N SER A 91 11.08 -3.92 22.95
CA SER A 91 10.37 -4.74 21.98
C SER A 91 8.96 -5.07 22.46
N SER A 92 8.82 -5.39 23.75
CA SER A 92 7.51 -5.75 24.28
C SER A 92 6.59 -4.55 24.42
N ASP A 93 7.12 -3.44 24.93
CA ASP A 93 6.34 -2.24 25.20
C ASP A 93 6.76 -1.12 24.27
N ASN A 94 5.79 -0.54 23.56
CA ASN A 94 6.09 0.55 22.65
C ASN A 94 6.40 1.85 23.38
N LEU A 95 5.97 1.99 24.63
CA LEU A 95 6.20 3.19 25.42
C LEU A 95 7.45 3.11 26.28
N HIS A 96 8.15 1.98 26.27
CA HIS A 96 9.27 1.74 27.17
C HIS A 96 10.56 1.69 26.37
N VAL A 97 11.68 1.94 27.05
CA VAL A 97 13.00 1.91 26.44
C VAL A 97 13.87 0.92 27.19
N VAL A 98 14.89 0.42 26.51
CA VAL A 98 15.85 -0.52 27.05
C VAL A 98 17.25 0.04 26.86
N PHE A 99 18.06 -0.02 27.90
CA PHE A 99 19.42 0.50 27.89
C PHE A 99 20.43 -0.64 27.84
N GLY A 100 21.59 -0.35 27.25
CA GLY A 100 22.70 -1.27 27.24
C GLY A 100 23.51 -1.20 28.52
N GLY A 101 24.48 -2.10 28.62
CA GLY A 101 25.33 -2.14 29.79
C GLY A 101 26.47 -1.14 29.79
N GLY A 102 26.85 -0.65 28.61
CA GLY A 102 27.93 0.30 28.53
C GLY A 102 29.24 -0.32 28.09
N THR A 103 29.98 0.38 27.23
CA THR A 103 31.24 -0.11 26.70
C THR A 103 32.33 0.92 26.98
N LYS A 104 33.46 0.46 27.50
CA LYS A 104 34.59 1.34 27.74
C LYS A 104 35.37 1.57 26.45
N LEU A 105 36.45 2.33 26.55
CA LEU A 105 37.33 2.57 25.41
C LEU A 105 38.70 2.96 25.93
N THR A 106 39.70 2.80 25.06
CA THR A 106 41.07 3.14 25.43
C THR A 106 41.81 3.65 24.21
N VAL A 107 42.74 4.57 24.43
CA VAL A 107 43.58 5.15 23.40
C VAL A 107 45.01 5.28 23.95
N LEU A 108 45.91 5.77 23.12
CA LEU A 108 47.29 6.00 23.51
C LEU A 108 47.45 7.39 24.11
N GLY A 109 48.69 7.80 24.31
CA GLY A 109 48.98 9.13 24.84
C GLY A 109 50.47 9.36 24.85
N GLN A 110 50.85 10.56 25.29
CA GLN A 110 52.25 10.93 25.34
C GLN A 110 52.68 11.13 26.79
N PRO A 111 53.74 10.45 27.23
CA PRO A 111 54.16 10.55 28.64
C PRO A 111 54.56 11.97 29.01
N LYS A 112 54.25 12.33 30.26
CA LYS A 112 54.74 13.55 30.87
C LYS A 112 54.99 13.29 32.34
N ALA A 113 55.79 14.16 32.95
CA ALA A 113 56.23 13.99 34.33
C ALA A 113 55.98 15.26 35.13
N ALA A 114 54.78 15.79 35.03
CA ALA A 114 54.42 16.99 35.81
C ALA A 114 54.09 16.58 37.23
N PRO A 115 54.82 17.08 38.24
CA PRO A 115 54.52 16.71 39.62
C PRO A 115 53.51 17.66 40.26
N SER A 116 53.22 17.45 41.53
CA SER A 116 52.40 18.40 42.27
C SER A 116 53.12 19.74 42.34
N VAL A 117 52.41 20.82 42.01
CA VAL A 117 53.05 22.12 41.86
C VAL A 117 53.57 22.63 43.21
N THR A 118 52.72 22.61 44.24
CA THR A 118 53.08 23.18 45.53
C THR A 118 52.44 22.35 46.62
N LEU A 119 53.25 21.80 47.52
CA LEU A 119 52.76 20.97 48.62
C LEU A 119 52.54 21.77 49.89
N PHE A 120 51.77 22.87 49.78
CA PHE A 120 51.38 23.76 50.88
C PHE A 120 52.51 23.92 51.89
N PRO A 121 53.61 24.57 51.52
CA PRO A 121 54.82 24.55 52.37
C PRO A 121 54.55 25.16 53.73
N PRO A 122 54.64 24.35 54.80
CA PRO A 122 54.48 24.90 56.15
C PRO A 122 55.82 25.27 56.77
N SER A 123 55.80 25.85 57.97
CA SER A 123 57.04 26.18 58.66
C SER A 123 57.87 24.93 58.94
N SER A 124 57.22 23.86 59.38
CA SER A 124 57.87 22.59 59.64
C SER A 124 57.51 21.61 58.53
N GLU A 125 58.51 21.01 57.91
CA GLU A 125 58.30 20.11 56.77
C GLU A 125 57.80 18.76 57.30
N GLU A 126 56.48 18.56 57.22
CA GLU A 126 55.92 17.27 57.62
C GLU A 126 56.37 16.17 56.66
N LEU A 127 56.34 16.44 55.36
CA LEU A 127 56.76 15.47 54.35
C LEU A 127 56.82 16.17 53.00
N GLN A 128 57.77 15.75 52.18
CA GLN A 128 57.85 16.22 50.80
C GLN A 128 56.99 15.32 49.92
N ALA A 129 57.10 15.47 48.60
CA ALA A 129 56.28 14.69 47.69
C ALA A 129 56.58 13.20 47.82
N ASN A 130 57.79 12.80 47.40
CA ASN A 130 58.24 11.41 47.42
C ASN A 130 57.15 10.42 47.01
N LYS A 131 56.39 10.75 45.96
CA LYS A 131 55.33 9.88 45.45
C LYS A 131 55.60 9.56 43.99
N ALA A 132 55.42 8.29 43.63
CA ALA A 132 55.50 7.88 42.24
C ALA A 132 54.13 8.04 41.58
N THR A 133 54.12 8.57 40.37
CA THR A 133 52.89 8.92 39.67
C THR A 133 52.65 7.98 38.50
N LEU A 134 51.39 7.60 38.31
CA LEU A 134 50.96 6.76 37.19
C LEU A 134 50.40 7.58 36.04
N VAL A 135 50.92 8.79 35.83
CA VAL A 135 50.41 9.66 34.80
C VAL A 135 50.83 9.15 33.42
N CYS A 136 49.90 9.24 32.46
CA CYS A 136 50.10 8.73 31.10
C CYS A 136 50.41 7.23 31.12
N LEU A 137 49.41 6.46 31.54
CA LEU A 137 49.51 5.01 31.50
C LEU A 137 49.70 4.55 30.06
N ILE A 138 50.89 4.05 29.73
CA ILE A 138 51.18 3.61 28.37
C ILE A 138 50.32 2.40 28.02
N SER A 139 50.26 1.42 28.93
CA SER A 139 49.47 0.22 28.72
C SER A 139 49.22 -0.43 30.07
N ASP A 140 47.97 -0.84 30.29
CA ASP A 140 47.53 -1.46 31.56
C ASP A 140 47.82 -0.45 32.67
N PHE A 141 48.40 -0.87 33.80
CA PHE A 141 48.67 0.04 34.90
C PHE A 141 49.83 -0.50 35.73
N TYR A 142 50.78 0.37 36.05
CA TYR A 142 51.94 0.02 36.87
C TYR A 142 52.13 1.10 37.94
N PRO A 143 51.25 1.15 38.94
CA PRO A 143 51.36 2.18 39.97
C PRO A 143 52.62 2.00 40.80
N GLY A 144 53.16 3.14 41.25
CA GLY A 144 54.36 3.12 42.07
C GLY A 144 54.09 2.82 43.53
N ALA A 145 55.16 2.64 44.28
CA ALA A 145 55.09 2.34 45.70
C ALA A 145 55.95 3.33 46.47
N VAL A 146 55.53 3.63 47.70
CA VAL A 146 56.19 4.59 48.56
C VAL A 146 56.89 3.85 49.69
N THR A 147 58.04 4.37 50.12
CA THR A 147 58.85 3.75 51.16
C THR A 147 59.29 4.84 52.13
N VAL A 148 58.74 4.80 53.35
CA VAL A 148 59.19 5.70 54.41
C VAL A 148 60.58 5.31 54.89
N ALA A 149 60.85 4.01 55.02
CA ALA A 149 62.12 3.49 55.51
C ALA A 149 62.62 2.37 54.61
N TRP A 150 62.58 2.62 53.30
CA TRP A 150 63.01 1.64 52.28
C TRP A 150 62.25 0.33 52.40
N LYS A 151 60.95 0.41 52.66
CA LYS A 151 60.10 -0.76 52.81
C LYS A 151 58.66 -0.37 52.47
N ALA A 152 57.81 -1.39 52.30
CA ALA A 152 56.42 -1.15 51.96
C ALA A 152 55.76 -0.23 52.99
N ASP A 153 55.12 0.82 52.50
CA ASP A 153 54.58 1.84 53.39
C ASP A 153 53.35 1.31 54.14
N SER A 154 53.31 1.61 55.44
CA SER A 154 52.17 1.28 56.28
C SER A 154 51.51 2.48 56.93
N SER A 155 52.19 3.62 56.97
CA SER A 155 51.59 4.83 57.51
C SER A 155 50.51 5.36 56.57
N PRO A 156 49.56 6.14 57.09
CA PRO A 156 48.50 6.69 56.23
C PRO A 156 49.08 7.52 55.09
N VAL A 157 48.75 7.12 53.86
CA VAL A 157 49.20 7.81 52.66
C VAL A 157 47.98 8.11 51.80
N LYS A 158 47.88 9.37 51.35
CA LYS A 158 46.76 9.81 50.53
C LYS A 158 47.09 9.53 49.07
N ALA A 159 46.33 8.64 48.44
CA ALA A 159 46.54 8.25 47.06
C ALA A 159 45.69 9.15 46.16
N GLY A 160 46.33 10.10 45.49
CA GLY A 160 45.63 11.00 44.61
C GLY A 160 45.59 10.53 43.18
N VAL A 161 45.03 9.34 42.96
CA VAL A 161 44.88 8.79 41.61
C VAL A 161 43.73 9.53 40.94
N GLU A 162 44.06 10.52 40.12
CA GLU A 162 43.05 11.35 39.49
C GLU A 162 42.49 10.68 38.25
N THR A 163 41.34 11.18 37.79
CA THR A 163 40.72 10.71 36.57
C THR A 163 41.26 11.51 35.38
N THR A 164 40.63 11.35 34.22
CA THR A 164 41.07 12.06 33.03
C THR A 164 40.72 13.54 33.13
N THR A 165 41.71 14.40 32.91
CA THR A 165 41.51 15.84 32.93
C THR A 165 41.02 16.32 31.57
N PRO A 166 39.91 17.05 31.51
CA PRO A 166 39.38 17.48 30.21
C PRO A 166 40.36 18.33 29.40
N SER A 167 41.14 19.20 30.05
CA SER A 167 42.05 20.06 29.33
C SER A 167 43.20 19.25 28.73
N LYS A 168 44.00 18.61 29.57
CA LYS A 168 45.05 17.70 29.12
C LYS A 168 44.56 16.28 29.41
N GLN A 169 44.31 15.52 28.35
CA GLN A 169 43.69 14.21 28.50
C GLN A 169 44.59 13.20 29.19
N SER A 170 45.87 13.51 29.39
CA SER A 170 46.73 12.66 30.20
C SER A 170 46.20 12.60 31.63
N ASN A 171 46.22 11.40 32.21
CA ASN A 171 45.72 11.19 33.56
C ASN A 171 46.73 11.77 34.54
N ASN A 172 46.72 13.09 34.68
CA ASN A 172 47.61 13.76 35.61
C ASN A 172 47.36 13.27 37.03
N LYS A 173 48.43 13.20 37.82
CA LYS A 173 48.35 12.64 39.16
C LYS A 173 49.23 13.43 40.11
N TYR A 174 48.85 13.43 41.38
CA TYR A 174 49.64 14.02 42.44
C TYR A 174 49.24 13.36 43.76
N ALA A 175 50.14 13.41 44.74
CA ALA A 175 49.86 12.80 46.03
C ALA A 175 50.76 13.43 47.08
N ALA A 176 50.24 13.50 48.30
CA ALA A 176 50.98 14.02 49.44
C ALA A 176 50.34 13.49 50.71
N SER A 177 51.11 13.53 51.80
CA SER A 177 50.65 13.04 53.09
C SER A 177 51.04 14.04 54.18
N SER A 178 50.28 14.02 55.27
CA SER A 178 50.49 14.88 56.41
C SER A 178 50.80 14.06 57.65
N TYR A 179 51.77 14.50 58.44
CA TYR A 179 52.16 13.78 59.65
C TYR A 179 52.40 14.71 60.83
N LEU A 180 51.90 15.95 60.77
CA LEU A 180 51.96 16.91 61.86
C LEU A 180 53.40 17.32 62.19
N SER A 181 54.36 16.84 61.40
CA SER A 181 55.77 17.25 61.51
C SER A 181 56.33 16.99 62.91
N LEU A 182 55.96 15.86 63.51
CA LEU A 182 56.54 15.45 64.78
C LEU A 182 57.29 14.13 64.68
N THR A 183 56.71 13.12 64.03
CA THR A 183 57.39 11.86 63.77
C THR A 183 58.41 11.90 62.63
N PRO A 184 58.22 12.67 61.55
CA PRO A 184 59.17 12.56 60.42
C PRO A 184 60.56 13.10 60.73
N GLU A 185 60.75 13.79 61.84
CA GLU A 185 62.07 14.33 62.19
C GLU A 185 63.07 13.24 62.53
N GLN A 186 62.62 12.00 62.76
CA GLN A 186 63.55 10.92 63.08
C GLN A 186 64.19 10.34 61.83
N TRP A 187 63.37 9.81 60.92
CA TRP A 187 63.88 9.25 59.67
C TRP A 187 64.11 10.35 58.65
N LYS A 188 64.97 10.07 57.69
CA LYS A 188 65.33 11.03 56.64
C LYS A 188 64.89 10.59 55.26
N SER A 189 65.25 9.38 54.85
CA SER A 189 64.95 8.91 53.50
C SER A 189 63.44 8.74 53.29
N HIS A 190 63.01 9.01 52.07
CA HIS A 190 61.61 8.82 51.66
C HIS A 190 61.62 8.59 50.16
N ARG A 191 61.52 7.34 49.74
CA ARG A 191 61.78 6.98 48.34
C ARG A 191 60.56 6.28 47.73
N SER A 192 60.17 6.73 46.54
CA SER A 192 59.08 6.11 45.81
C SER A 192 59.59 5.57 44.48
N TYR A 193 59.17 4.36 44.16
CA TYR A 193 59.60 3.67 42.93
C TYR A 193 58.38 3.50 42.03
N SER A 194 58.47 4.01 40.81
CA SER A 194 57.40 3.84 39.85
C SER A 194 57.55 2.56 39.04
N CYS A 195 58.79 2.11 38.81
CA CYS A 195 59.16 0.94 38.03
C CYS A 195 58.85 1.09 36.55
N GLN A 196 58.30 2.23 36.12
CA GLN A 196 58.01 2.50 34.72
C GLN A 196 58.38 3.93 34.38
N VAL A 197 59.53 4.38 34.86
CA VAL A 197 59.95 5.78 34.72
C VAL A 197 60.09 6.19 33.26
N THR A 198 60.20 5.23 32.35
CA THR A 198 60.30 5.57 30.93
C THR A 198 59.04 6.28 30.44
N HIS A 199 57.87 5.82 30.88
CA HIS A 199 56.60 6.42 30.49
C HIS A 199 55.82 7.00 31.67
N GLU A 200 55.94 6.44 32.87
CA GLU A 200 55.27 7.02 34.02
C GLU A 200 55.81 8.40 34.36
N GLY A 201 57.11 8.59 34.21
CA GLY A 201 57.73 9.85 34.57
C GLY A 201 57.78 10.05 36.07
N SER A 202 58.59 9.25 36.76
CA SER A 202 58.70 9.33 38.20
C SER A 202 59.31 10.66 38.65
N THR A 203 58.50 11.51 39.27
CA THR A 203 58.94 12.82 39.75
C THR A 203 59.37 12.79 41.20
N VAL A 204 59.87 11.65 41.69
CA VAL A 204 60.21 11.53 43.09
C VAL A 204 61.51 12.27 43.36
N GLU A 205 61.46 13.22 44.30
CA GLU A 205 62.63 13.97 44.72
C GLU A 205 63.11 13.45 46.07
N LYS A 206 64.43 13.42 46.27
CA LYS A 206 65.01 12.95 47.51
C LYS A 206 64.81 13.99 48.61
N THR A 207 64.36 13.53 49.77
CA THR A 207 64.13 14.41 50.92
C THR A 207 65.29 14.39 51.89
N VAL A 208 65.64 13.20 52.41
CA VAL A 208 66.78 12.96 53.32
C VAL A 208 66.86 14.02 54.41
N ALA A 209 65.72 14.62 54.75
CA ALA A 209 65.66 15.71 55.72
C ALA A 209 64.62 15.39 56.78
N PRO A 210 64.81 15.89 58.01
CA PRO A 210 63.84 15.67 59.09
C PRO A 210 62.53 16.42 58.87
N ASP B 1 -35.28 -15.17 -19.41
CA ASP B 1 -35.83 -14.46 -18.25
C ASP B 1 -36.53 -13.18 -18.67
N ILE B 2 -35.77 -12.28 -19.30
CA ILE B 2 -36.29 -11.00 -19.76
C ILE B 2 -36.34 -11.03 -21.29
N GLN B 3 -37.51 -10.76 -21.84
CA GLN B 3 -37.70 -10.68 -23.28
C GLN B 3 -37.67 -9.22 -23.70
N MET B 4 -36.96 -8.93 -24.79
CA MET B 4 -36.69 -7.57 -25.23
C MET B 4 -37.14 -7.46 -26.67
N THR B 5 -38.26 -6.78 -26.92
CA THR B 5 -38.89 -6.77 -28.23
C THR B 5 -38.88 -5.37 -28.81
N GLN B 6 -38.35 -5.24 -30.03
CA GLN B 6 -38.38 -3.99 -30.78
C GLN B 6 -39.52 -4.07 -31.81
N SER B 7 -40.52 -3.20 -31.66
CA SER B 7 -41.70 -3.31 -32.51
C SER B 7 -41.42 -3.08 -33.99
N PRO B 8 -40.74 -1.99 -34.41
CA PRO B 8 -40.48 -1.83 -35.84
C PRO B 8 -39.29 -2.65 -36.31
N SER B 9 -39.51 -3.91 -36.64
CA SER B 9 -38.41 -4.80 -37.03
C SER B 9 -37.64 -4.23 -38.22
N SER B 10 -38.34 -3.66 -39.20
CA SER B 10 -37.71 -3.00 -40.33
C SER B 10 -38.33 -1.62 -40.51
N LEU B 11 -37.49 -0.64 -40.82
CA LEU B 11 -37.93 0.74 -40.95
C LEU B 11 -37.34 1.36 -42.20
N SER B 12 -38.09 2.30 -42.78
CA SER B 12 -37.65 3.03 -43.96
C SER B 12 -38.13 4.46 -43.87
N ALA B 13 -37.22 5.42 -44.05
CA ALA B 13 -37.56 6.82 -43.95
C ALA B 13 -36.61 7.63 -44.81
N SER B 14 -37.04 8.83 -45.18
CA SER B 14 -36.25 9.71 -46.03
C SER B 14 -35.24 10.48 -45.17
N VAL B 15 -34.29 11.12 -45.86
CA VAL B 15 -33.28 11.91 -45.18
C VAL B 15 -33.92 13.16 -44.59
N GLY B 16 -33.63 13.43 -43.32
CA GLY B 16 -34.22 14.53 -42.60
C GLY B 16 -35.49 14.22 -41.87
N ASP B 17 -36.04 13.01 -42.03
CA ASP B 17 -37.25 12.63 -41.35
C ASP B 17 -36.97 12.33 -39.88
N ARG B 18 -38.03 12.16 -39.11
CA ARG B 18 -37.94 11.79 -37.71
C ARG B 18 -38.29 10.31 -37.58
N VAL B 19 -37.43 9.57 -36.88
CA VAL B 19 -37.53 8.12 -36.78
C VAL B 19 -37.68 7.74 -35.32
N SER B 20 -38.64 6.87 -35.02
CA SER B 20 -38.87 6.40 -33.66
C SER B 20 -38.87 4.88 -33.66
N ILE B 21 -38.06 4.29 -32.77
CA ILE B 21 -37.99 2.86 -32.58
C ILE B 21 -38.33 2.55 -31.14
N THR B 22 -39.29 1.66 -30.93
CA THR B 22 -39.79 1.36 -29.59
C THR B 22 -39.27 0.01 -29.13
N CYS B 23 -38.79 -0.04 -27.90
CA CYS B 23 -38.35 -1.28 -27.25
C CYS B 23 -39.22 -1.54 -26.03
N ARG B 24 -39.60 -2.79 -25.84
CA ARG B 24 -40.45 -3.19 -24.74
C ARG B 24 -39.83 -4.37 -24.02
N ALA B 25 -39.75 -4.28 -22.69
CA ALA B 25 -39.22 -5.36 -21.87
C ALA B 25 -40.36 -6.14 -21.24
N SER B 26 -40.13 -7.44 -21.05
CA SER B 26 -41.16 -8.28 -20.44
C SER B 26 -41.38 -7.92 -18.98
N GLN B 27 -40.39 -7.34 -18.32
CA GLN B 27 -40.50 -6.92 -16.94
C GLN B 27 -39.79 -5.60 -16.76
N THR B 28 -40.09 -4.93 -15.65
CA THR B 28 -39.53 -3.61 -15.40
C THR B 28 -38.02 -3.70 -15.25
N ILE B 29 -37.30 -2.94 -16.08
CA ILE B 29 -35.86 -2.85 -16.01
C ILE B 29 -35.41 -1.47 -15.57
N SER B 30 -36.33 -0.69 -14.99
CA SER B 30 -36.05 0.67 -14.50
C SER B 30 -35.57 1.49 -15.68
N THR B 31 -34.42 2.16 -15.60
CA THR B 31 -33.87 2.92 -16.71
C THR B 31 -32.58 2.32 -17.24
N TYR B 32 -32.31 1.06 -16.92
CA TYR B 32 -31.06 0.41 -17.35
C TYR B 32 -31.26 -0.19 -18.74
N LEU B 33 -31.42 0.71 -19.70
CA LEU B 33 -31.59 0.35 -21.10
C LEU B 33 -30.56 1.11 -21.94
N ASN B 34 -29.99 0.41 -22.92
CA ASN B 34 -28.99 0.98 -23.79
C ASN B 34 -29.41 0.77 -25.25
N TRP B 35 -29.07 1.74 -26.08
CA TRP B 35 -29.29 1.68 -27.52
C TRP B 35 -27.95 1.65 -28.22
N TYR B 36 -27.75 0.65 -29.07
CA TYR B 36 -26.53 0.47 -29.85
C TYR B 36 -26.85 0.58 -31.33
N GLN B 37 -25.88 1.07 -32.09
CA GLN B 37 -25.97 1.16 -33.54
C GLN B 37 -24.91 0.28 -34.16
N GLN B 38 -25.30 -0.52 -35.15
CA GLN B 38 -24.38 -1.44 -35.82
C GLN B 38 -24.49 -1.24 -37.33
N LYS B 39 -23.44 -0.70 -37.93
CA LYS B 39 -23.33 -0.68 -39.37
C LYS B 39 -23.01 -2.08 -39.87
N PRO B 40 -23.36 -2.39 -41.12
CA PRO B 40 -23.09 -3.74 -41.65
C PRO B 40 -21.59 -4.05 -41.62
N GLY B 41 -21.27 -5.25 -41.12
CA GLY B 41 -19.88 -5.67 -41.05
C GLY B 41 -19.02 -4.86 -40.10
N ARG B 42 -19.60 -4.36 -39.01
CA ARG B 42 -18.85 -3.59 -38.03
C ARG B 42 -19.34 -3.96 -36.63
N ALA B 43 -18.51 -3.64 -35.64
CA ALA B 43 -18.89 -3.85 -34.27
C ALA B 43 -19.98 -2.85 -33.86
N PRO B 44 -20.87 -3.24 -32.94
CA PRO B 44 -21.89 -2.30 -32.48
C PRO B 44 -21.28 -1.11 -31.77
N LYS B 45 -21.95 0.03 -31.90
CA LYS B 45 -21.52 1.28 -31.28
C LYS B 45 -22.59 1.72 -30.29
N LEU B 46 -22.17 2.00 -29.06
CA LEU B 46 -23.11 2.43 -28.03
C LEU B 46 -23.59 3.84 -28.33
N LEU B 47 -24.91 3.99 -28.52
CA LEU B 47 -25.49 5.31 -28.74
C LEU B 47 -25.96 5.93 -27.44
N ILE B 48 -26.80 5.22 -26.69
CA ILE B 48 -27.43 5.77 -25.49
C ILE B 48 -27.31 4.75 -24.35
N TYR B 49 -26.99 5.23 -23.16
CA TYR B 49 -27.02 4.43 -21.96
C TYR B 49 -27.95 5.08 -20.95
N GLY B 50 -28.45 4.27 -20.01
CA GLY B 50 -29.40 4.78 -19.05
C GLY B 50 -30.74 5.17 -19.63
N ALA B 51 -31.02 4.77 -20.87
CA ALA B 51 -32.29 4.95 -21.57
C ALA B 51 -32.53 6.40 -21.97
N SER B 52 -31.69 7.32 -21.48
CA SER B 52 -31.75 8.71 -21.94
C SER B 52 -30.40 9.36 -22.16
N SER B 53 -29.32 8.88 -21.54
CA SER B 53 -28.05 9.58 -21.60
C SER B 53 -27.35 9.30 -22.93
N LEU B 54 -26.88 10.36 -23.57
CA LEU B 54 -26.19 10.26 -24.85
C LEU B 54 -24.71 10.01 -24.63
N GLN B 55 -24.19 8.98 -25.29
CA GLN B 55 -22.76 8.68 -25.20
C GLN B 55 -21.96 9.79 -25.87
N SER B 56 -20.82 10.13 -25.27
CA SER B 56 -19.98 11.20 -25.78
C SER B 56 -19.54 10.91 -27.20
N GLY B 57 -19.62 11.91 -28.07
CA GLY B 57 -19.27 11.78 -29.46
C GLY B 57 -20.41 11.36 -30.38
N VAL B 58 -21.56 10.99 -29.83
CA VAL B 58 -22.72 10.62 -30.61
C VAL B 58 -23.44 11.90 -31.05
N PRO B 59 -23.87 12.01 -32.30
CA PRO B 59 -24.57 13.23 -32.74
C PRO B 59 -25.83 13.48 -31.91
N SER B 60 -26.13 14.76 -31.72
CA SER B 60 -27.24 15.16 -30.86
C SER B 60 -28.60 14.81 -31.43
N ARG B 61 -28.68 14.40 -32.70
CA ARG B 61 -29.96 14.00 -33.28
C ARG B 61 -30.48 12.70 -32.69
N PHE B 62 -29.65 11.95 -31.97
CA PHE B 62 -30.09 10.74 -31.29
C PHE B 62 -30.54 11.09 -29.88
N SER B 63 -31.73 10.62 -29.51
CA SER B 63 -32.25 10.84 -28.17
C SER B 63 -32.94 9.57 -27.69
N GLY B 64 -32.94 9.38 -26.38
CA GLY B 64 -33.60 8.24 -25.78
C GLY B 64 -34.55 8.68 -24.70
N SER B 65 -35.69 7.99 -24.62
CA SER B 65 -36.70 8.29 -23.61
C SER B 65 -37.35 7.00 -23.17
N GLY B 66 -38.13 7.09 -22.10
CA GLY B 66 -38.86 5.95 -21.58
C GLY B 66 -38.28 5.44 -20.28
N SER B 67 -39.01 4.50 -19.70
CA SER B 67 -38.67 3.96 -18.39
C SER B 67 -39.60 2.80 -18.08
N GLY B 68 -39.14 1.90 -17.23
CA GLY B 68 -39.96 0.77 -16.83
C GLY B 68 -39.91 -0.35 -17.84
N THR B 69 -40.96 -0.47 -18.66
CA THR B 69 -41.03 -1.51 -19.67
C THR B 69 -41.12 -0.96 -21.08
N ASP B 70 -41.21 0.35 -21.27
CA ASP B 70 -41.33 0.96 -22.59
C ASP B 70 -40.25 2.02 -22.77
N PHE B 71 -39.54 1.94 -23.89
CA PHE B 71 -38.47 2.87 -24.20
C PHE B 71 -38.54 3.23 -25.68
N THR B 72 -37.98 4.38 -26.03
CA THR B 72 -38.02 4.88 -27.40
C THR B 72 -36.69 5.52 -27.75
N LEU B 73 -36.16 5.15 -28.92
CA LEU B 73 -35.00 5.80 -29.51
C LEU B 73 -35.47 6.64 -30.69
N THR B 74 -35.10 7.91 -30.68
CA THR B 74 -35.58 8.87 -31.68
C THR B 74 -34.41 9.51 -32.40
N ILE B 75 -34.46 9.49 -33.72
CA ILE B 75 -33.57 10.27 -34.56
C ILE B 75 -34.36 11.46 -35.05
N SER B 76 -33.96 12.66 -34.62
CA SER B 76 -34.73 13.86 -34.91
C SER B 76 -34.73 14.17 -36.40
N SER B 77 -33.57 14.09 -37.05
CA SER B 77 -33.45 14.32 -38.48
C SER B 77 -32.57 13.22 -39.06
N LEU B 78 -33.19 12.29 -39.78
CA LEU B 78 -32.44 11.17 -40.34
C LEU B 78 -31.40 11.65 -41.34
N GLN B 79 -30.18 11.13 -41.20
CA GLN B 79 -29.08 11.44 -42.09
C GLN B 79 -28.74 10.23 -42.94
N PRO B 80 -28.12 10.42 -44.11
CA PRO B 80 -27.76 9.27 -44.95
C PRO B 80 -26.82 8.29 -44.26
N GLU B 81 -26.02 8.76 -43.30
CA GLU B 81 -25.09 7.89 -42.58
C GLU B 81 -25.75 7.18 -41.41
N ASP B 82 -27.03 7.39 -41.17
CA ASP B 82 -27.73 6.75 -40.07
C ASP B 82 -28.30 5.38 -40.43
N PHE B 83 -28.08 4.92 -41.66
CA PHE B 83 -28.51 3.59 -42.06
C PHE B 83 -27.69 2.55 -41.32
N ALA B 84 -28.35 1.77 -40.48
CA ALA B 84 -27.70 0.73 -39.66
C ALA B 84 -28.79 -0.09 -39.01
N THR B 85 -28.39 -1.02 -38.15
CA THR B 85 -29.33 -1.78 -37.33
C THR B 85 -29.19 -1.31 -35.89
N TYR B 86 -30.32 -1.02 -35.25
CA TYR B 86 -30.34 -0.47 -33.91
C TYR B 86 -30.87 -1.50 -32.93
N TYR B 87 -30.14 -1.70 -31.83
CA TYR B 87 -30.43 -2.72 -30.84
C TYR B 87 -30.72 -2.07 -29.49
N CYS B 88 -31.75 -2.56 -28.82
CA CYS B 88 -32.02 -2.20 -27.43
C CYS B 88 -31.57 -3.35 -26.54
N GLN B 89 -30.82 -3.01 -25.49
CA GLN B 89 -30.27 -3.99 -24.58
C GLN B 89 -30.58 -3.59 -23.15
N GLU B 90 -30.94 -4.55 -22.32
CA GLU B 90 -31.15 -4.31 -20.91
C GLU B 90 -29.89 -4.69 -20.15
N SER B 91 -29.44 -3.80 -19.27
CA SER B 91 -28.31 -4.07 -18.39
C SER B 91 -28.76 -4.18 -16.93
N ASP B 92 -30.04 -4.46 -16.71
CA ASP B 92 -30.55 -4.62 -15.34
C ASP B 92 -30.14 -5.96 -14.77
N SER B 93 -30.14 -7.00 -15.58
CA SER B 93 -29.81 -8.35 -15.17
C SER B 93 -28.49 -8.80 -15.79
N PRO B 94 -27.81 -9.79 -15.20
CA PRO B 94 -26.56 -10.27 -15.78
C PRO B 94 -26.71 -10.97 -17.12
N SER B 95 -27.94 -11.15 -17.62
CA SER B 95 -28.12 -11.74 -18.94
C SER B 95 -27.85 -10.75 -20.06
N PHE B 96 -27.89 -9.45 -19.77
CA PHE B 96 -27.59 -8.41 -20.76
C PHE B 96 -28.34 -8.63 -22.06
N THR B 97 -29.64 -8.91 -21.93
CA THR B 97 -30.44 -9.32 -23.07
C THR B 97 -30.49 -8.24 -24.14
N PHE B 98 -30.21 -8.64 -25.38
CA PHE B 98 -30.33 -7.78 -26.54
C PHE B 98 -31.70 -7.99 -27.18
N GLY B 99 -32.30 -6.90 -27.65
CA GLY B 99 -33.48 -7.04 -28.46
C GLY B 99 -33.15 -7.33 -29.90
N GLN B 100 -34.10 -7.94 -30.62
CA GLN B 100 -33.91 -8.16 -32.04
C GLN B 100 -33.82 -6.81 -32.75
N GLY B 101 -32.85 -6.68 -33.63
CA GLY B 101 -32.51 -5.37 -34.16
C GLY B 101 -33.59 -4.79 -35.05
N THR B 102 -33.49 -3.47 -35.24
CA THR B 102 -34.34 -2.72 -36.15
C THR B 102 -33.46 -2.19 -37.29
N LYS B 103 -33.80 -2.58 -38.52
CA LYS B 103 -33.05 -2.13 -39.69
C LYS B 103 -33.69 -0.84 -40.20
N VAL B 104 -32.89 0.20 -40.29
CA VAL B 104 -33.37 1.51 -40.73
C VAL B 104 -32.84 1.72 -42.14
N GLN B 105 -33.66 1.43 -43.14
CA GLN B 105 -33.34 1.76 -44.51
C GLN B 105 -33.65 3.24 -44.77
N ILE B 106 -33.08 3.77 -45.84
CA ILE B 106 -33.20 5.18 -46.16
C ILE B 106 -33.77 5.32 -47.55
N LYS B 107 -34.83 6.10 -47.68
CA LYS B 107 -35.48 6.36 -48.96
C LYS B 107 -34.84 7.56 -49.65
N ARG B 108 -35.02 7.63 -50.95
CA ARG B 108 -34.48 8.72 -51.77
C ARG B 108 -35.14 8.65 -53.14
N THR B 109 -34.74 9.56 -54.01
CA THR B 109 -35.24 9.56 -55.38
C THR B 109 -34.71 8.37 -56.16
N VAL B 110 -35.49 7.92 -57.14
CA VAL B 110 -35.11 6.77 -57.96
C VAL B 110 -33.87 7.13 -58.77
N ALA B 111 -32.89 6.23 -58.77
CA ALA B 111 -31.64 6.42 -59.50
C ALA B 111 -31.47 5.32 -60.52
N ALA B 112 -31.00 5.69 -61.71
CA ALA B 112 -30.81 4.74 -62.79
C ALA B 112 -29.56 3.91 -62.56
N PRO B 113 -29.65 2.59 -62.53
CA PRO B 113 -28.44 1.77 -62.39
C PRO B 113 -27.55 1.88 -63.61
N SER B 114 -26.24 1.80 -63.37
CA SER B 114 -25.25 1.75 -64.43
C SER B 114 -24.88 0.29 -64.68
N VAL B 115 -25.06 -0.16 -65.91
CA VAL B 115 -24.94 -1.58 -66.26
C VAL B 115 -23.60 -1.84 -66.92
N PHE B 116 -22.88 -2.83 -66.41
CA PHE B 116 -21.62 -3.28 -66.99
C PHE B 116 -21.66 -4.79 -67.14
N ILE B 117 -20.90 -5.31 -68.10
CA ILE B 117 -20.82 -6.74 -68.35
C ILE B 117 -19.36 -7.16 -68.39
N PHE B 118 -19.07 -8.34 -67.85
CA PHE B 118 -17.71 -8.86 -67.86
C PHE B 118 -17.72 -10.34 -68.22
N PRO B 119 -17.15 -10.71 -69.35
CA PRO B 119 -16.99 -12.12 -69.69
C PRO B 119 -15.82 -12.73 -68.92
N PRO B 120 -15.75 -14.05 -68.83
CA PRO B 120 -14.67 -14.68 -68.07
C PRO B 120 -13.30 -14.42 -68.68
N SER B 121 -12.30 -14.35 -67.81
CA SER B 121 -10.93 -14.15 -68.24
C SER B 121 -10.32 -15.48 -68.70
N ASP B 122 -9.08 -15.42 -69.20
CA ASP B 122 -8.42 -16.61 -69.72
C ASP B 122 -8.21 -17.66 -68.64
N GLU B 123 -7.86 -17.23 -67.43
CA GLU B 123 -7.68 -18.17 -66.34
C GLU B 123 -8.98 -18.89 -66.01
N GLN B 124 -10.10 -18.16 -66.05
CA GLN B 124 -11.40 -18.79 -65.86
C GLN B 124 -11.68 -19.82 -66.96
N LEU B 125 -11.30 -19.51 -68.20
CA LEU B 125 -11.48 -20.46 -69.29
C LEU B 125 -10.66 -21.72 -69.06
N LYS B 126 -9.40 -21.56 -68.65
CA LYS B 126 -8.55 -22.73 -68.44
C LYS B 126 -8.94 -23.51 -67.19
N SER B 127 -9.61 -22.87 -66.23
CA SER B 127 -10.06 -23.59 -65.05
C SER B 127 -11.17 -24.57 -65.38
N GLY B 128 -12.03 -24.22 -66.33
CA GLY B 128 -13.16 -25.05 -66.71
C GLY B 128 -14.49 -24.63 -66.14
N THR B 129 -14.54 -23.52 -65.39
CA THR B 129 -15.76 -23.03 -64.75
C THR B 129 -15.96 -21.55 -65.09
N ALA B 130 -15.85 -21.23 -66.37
CA ALA B 130 -15.97 -19.84 -66.81
C ALA B 130 -17.32 -19.24 -66.42
N SER B 131 -17.29 -18.02 -65.91
CA SER B 131 -18.49 -17.33 -65.46
C SER B 131 -18.52 -15.91 -66.02
N VAL B 132 -19.72 -15.45 -66.36
CA VAL B 132 -19.95 -14.12 -66.88
C VAL B 132 -20.79 -13.35 -65.86
N VAL B 133 -20.42 -12.08 -65.63
CA VAL B 133 -21.05 -11.30 -64.57
C VAL B 133 -21.63 -10.02 -65.15
N CYS B 134 -22.75 -9.58 -64.58
CA CYS B 134 -23.39 -8.31 -64.91
C CYS B 134 -23.48 -7.48 -63.63
N LEU B 135 -23.04 -6.23 -63.70
CA LEU B 135 -22.94 -5.35 -62.55
C LEU B 135 -23.88 -4.17 -62.73
N LEU B 136 -24.64 -3.86 -61.68
CA LEU B 136 -25.53 -2.70 -61.64
C LEU B 136 -25.07 -1.79 -60.53
N ASN B 137 -24.75 -0.54 -60.88
CA ASN B 137 -24.07 0.39 -59.99
C ASN B 137 -24.99 1.56 -59.65
N ASN B 138 -25.09 1.86 -58.36
CA ASN B 138 -25.65 3.11 -57.84
C ASN B 138 -27.10 3.32 -58.31
N PHE B 139 -27.97 2.43 -57.85
CA PHE B 139 -29.41 2.57 -58.04
C PHE B 139 -30.09 2.46 -56.68
N TYR B 140 -31.07 3.32 -56.43
CA TYR B 140 -31.72 3.30 -55.13
C TYR B 140 -32.72 2.16 -55.01
N PRO B 141 -33.71 2.01 -55.93
CA PRO B 141 -34.68 0.92 -55.73
C PRO B 141 -34.03 -0.43 -55.93
N ARG B 142 -33.89 -1.19 -54.83
CA ARG B 142 -33.14 -2.43 -54.87
C ARG B 142 -33.78 -3.49 -55.76
N GLU B 143 -35.04 -3.32 -56.15
CA GLU B 143 -35.69 -4.23 -57.08
C GLU B 143 -35.05 -4.01 -58.46
N ALA B 144 -34.11 -4.88 -58.82
CA ALA B 144 -33.35 -4.78 -60.06
C ALA B 144 -33.31 -6.12 -60.76
N LYS B 145 -34.50 -6.72 -60.93
CA LYS B 145 -34.61 -8.04 -61.55
C LYS B 145 -33.92 -8.07 -62.90
N VAL B 146 -33.05 -9.07 -63.09
CA VAL B 146 -32.27 -9.23 -64.30
C VAL B 146 -32.31 -10.69 -64.70
N GLN B 147 -33.08 -11.01 -65.74
CA GLN B 147 -33.06 -12.35 -66.30
C GLN B 147 -31.81 -12.52 -67.18
N TRP B 148 -31.22 -13.70 -67.13
CA TRP B 148 -29.98 -13.90 -67.85
C TRP B 148 -30.23 -14.15 -69.33
N LYS B 149 -29.15 -14.09 -70.11
CA LYS B 149 -29.23 -14.09 -71.57
C LYS B 149 -28.26 -15.15 -72.10
N VAL B 150 -28.80 -16.16 -72.78
CA VAL B 150 -27.95 -17.17 -73.40
C VAL B 150 -28.25 -17.25 -74.90
N ASP B 151 -29.43 -17.74 -75.24
CA ASP B 151 -29.86 -17.86 -76.63
C ASP B 151 -31.32 -17.45 -76.76
N ASN B 152 -31.67 -16.32 -76.13
CA ASN B 152 -33.05 -15.84 -76.02
C ASN B 152 -33.94 -16.81 -75.26
N ALA B 153 -33.33 -17.68 -74.45
CA ALA B 153 -34.06 -18.63 -73.63
C ALA B 153 -33.82 -18.32 -72.17
N LEU B 154 -34.89 -18.30 -71.39
CA LEU B 154 -34.79 -18.00 -69.97
C LEU B 154 -33.99 -19.07 -69.24
N GLN B 155 -33.09 -18.64 -68.37
CA GLN B 155 -32.25 -19.54 -67.58
C GLN B 155 -32.56 -19.35 -66.10
N SER B 156 -32.72 -20.47 -65.40
CA SER B 156 -33.03 -20.45 -63.96
C SER B 156 -31.89 -20.93 -63.09
N GLY B 157 -31.03 -21.83 -63.60
CA GLY B 157 -29.93 -22.34 -62.81
C GLY B 157 -28.66 -21.52 -62.93
N ASN B 158 -27.71 -21.84 -62.05
CA ASN B 158 -26.36 -21.25 -62.02
C ASN B 158 -26.37 -19.72 -62.08
N SER B 159 -27.47 -19.09 -61.66
CA SER B 159 -27.57 -17.63 -61.61
C SER B 159 -27.52 -17.23 -60.14
N GLN B 160 -26.49 -16.48 -59.75
CA GLN B 160 -26.26 -16.11 -58.37
C GLN B 160 -26.12 -14.59 -58.28
N GLU B 161 -26.97 -13.97 -57.47
CA GLU B 161 -26.99 -12.51 -57.34
C GLU B 161 -26.58 -12.10 -55.94
N SER B 162 -25.73 -11.08 -55.85
CA SER B 162 -25.29 -10.51 -54.59
C SER B 162 -25.48 -9.01 -54.63
N VAL B 163 -26.17 -8.47 -53.63
CA VAL B 163 -26.51 -7.05 -53.57
C VAL B 163 -25.83 -6.45 -52.35
N THR B 164 -25.12 -5.34 -52.55
CA THR B 164 -24.43 -4.68 -51.46
C THR B 164 -25.43 -3.99 -50.54
N GLU B 165 -24.95 -3.60 -49.36
CA GLU B 165 -25.77 -2.84 -48.43
C GLU B 165 -25.94 -1.42 -48.94
N GLN B 166 -26.91 -0.72 -48.36
CA GLN B 166 -27.17 0.66 -48.75
C GLN B 166 -25.96 1.53 -48.46
N ASP B 167 -25.60 2.37 -49.43
CA ASP B 167 -24.43 3.22 -49.28
C ASP B 167 -24.65 4.25 -48.18
N SER B 168 -23.56 4.58 -47.49
CA SER B 168 -23.60 5.55 -46.39
C SER B 168 -23.44 6.99 -46.87
N LYS B 169 -23.31 7.22 -48.18
CA LYS B 169 -23.16 8.55 -48.73
C LYS B 169 -24.35 8.98 -49.57
N ASP B 170 -24.71 8.19 -50.58
CA ASP B 170 -25.84 8.51 -51.44
C ASP B 170 -26.98 7.49 -51.34
N SER B 171 -26.88 6.51 -50.44
CA SER B 171 -27.96 5.56 -50.16
C SER B 171 -28.41 4.82 -51.42
N THR B 172 -27.46 4.46 -52.28
CA THR B 172 -27.74 3.73 -53.50
C THR B 172 -27.17 2.31 -53.41
N TYR B 173 -27.91 1.35 -53.96
CA TYR B 173 -27.48 -0.04 -53.96
C TYR B 173 -26.63 -0.34 -55.19
N SER B 174 -26.09 -1.56 -55.21
CA SER B 174 -25.31 -2.05 -56.35
C SER B 174 -25.31 -3.57 -56.27
N LEU B 175 -25.72 -4.22 -57.35
CA LEU B 175 -25.90 -5.67 -57.33
C LEU B 175 -25.20 -6.32 -58.52
N SER B 176 -24.59 -7.47 -58.28
CA SER B 176 -23.89 -8.22 -59.30
C SER B 176 -24.53 -9.59 -59.45
N SER B 177 -24.89 -9.94 -60.68
CA SER B 177 -25.48 -11.24 -61.00
C SER B 177 -24.48 -11.99 -61.88
N THR B 178 -24.07 -13.17 -61.42
CA THR B 178 -23.09 -13.98 -62.12
C THR B 178 -23.72 -15.30 -62.55
N LEU B 179 -23.46 -15.70 -63.79
CA LEU B 179 -23.86 -17.02 -64.27
C LEU B 179 -22.61 -17.80 -64.62
N THR B 180 -22.52 -19.02 -64.10
CA THR B 180 -21.35 -19.89 -64.29
C THR B 180 -21.75 -21.00 -65.26
N LEU B 181 -20.95 -21.17 -66.30
CA LEU B 181 -21.22 -22.16 -67.34
C LEU B 181 -20.00 -23.04 -67.55
N SER B 182 -20.25 -24.28 -67.93
CA SER B 182 -19.15 -25.18 -68.25
C SER B 182 -18.48 -24.75 -69.55
N LYS B 183 -17.31 -25.34 -69.81
CA LYS B 183 -16.57 -24.97 -71.02
C LYS B 183 -17.35 -25.30 -72.28
N ALA B 184 -18.00 -26.47 -72.31
CA ALA B 184 -18.76 -26.85 -73.49
C ALA B 184 -19.93 -25.90 -73.74
N ASP B 185 -20.65 -25.54 -72.67
CA ASP B 185 -21.78 -24.63 -72.82
C ASP B 185 -21.31 -23.23 -73.24
N TYR B 186 -20.21 -22.75 -72.65
CA TYR B 186 -19.70 -21.43 -73.00
C TYR B 186 -19.21 -21.39 -74.44
N GLU B 187 -18.55 -22.46 -74.89
CA GLU B 187 -18.01 -22.47 -76.24
C GLU B 187 -19.10 -22.65 -77.28
N LYS B 188 -20.15 -23.43 -76.96
CA LYS B 188 -21.21 -23.67 -77.92
C LYS B 188 -22.24 -22.54 -77.97
N HIS B 189 -22.11 -21.54 -77.10
CA HIS B 189 -22.97 -20.36 -77.13
C HIS B 189 -22.09 -19.14 -77.35
N LYS B 190 -22.20 -18.54 -78.54
CA LYS B 190 -21.38 -17.40 -78.90
C LYS B 190 -22.11 -16.07 -78.83
N VAL B 191 -23.44 -16.07 -78.98
CA VAL B 191 -24.23 -14.85 -78.94
C VAL B 191 -25.02 -14.83 -77.63
N TYR B 192 -25.45 -13.64 -77.24
CA TYR B 192 -26.21 -13.43 -76.02
C TYR B 192 -27.52 -12.72 -76.34
N ALA B 193 -28.52 -12.94 -75.48
CA ALA B 193 -29.88 -12.47 -75.79
C ALA B 193 -30.02 -10.97 -75.61
N CYS B 194 -29.37 -10.41 -74.59
CA CYS B 194 -29.49 -9.00 -74.21
C CYS B 194 -30.97 -8.58 -74.13
N GLU B 195 -31.74 -9.36 -73.39
CA GLU B 195 -33.18 -9.19 -73.30
C GLU B 195 -33.54 -8.17 -72.21
N VAL B 196 -34.82 -8.14 -71.84
CA VAL B 196 -35.35 -7.11 -70.94
C VAL B 196 -34.82 -7.32 -69.53
N THR B 197 -34.39 -6.23 -68.90
CA THR B 197 -34.01 -6.21 -67.49
C THR B 197 -34.93 -5.25 -66.75
N HIS B 198 -35.50 -5.72 -65.64
CA HIS B 198 -36.47 -4.93 -64.88
C HIS B 198 -35.78 -4.05 -63.86
N GLN B 199 -36.29 -2.83 -63.70
CA GLN B 199 -35.78 -1.88 -62.72
C GLN B 199 -36.90 -0.90 -62.40
N GLY B 200 -36.87 -0.37 -61.16
CA GLY B 200 -37.85 0.63 -60.78
C GLY B 200 -37.83 1.84 -61.69
N LEU B 201 -36.64 2.27 -62.10
CA LEU B 201 -36.53 3.32 -63.10
C LEU B 201 -36.88 2.76 -64.47
N SER B 202 -37.24 3.66 -65.39
CA SER B 202 -37.64 3.26 -66.73
C SER B 202 -36.44 2.82 -67.55
N SER B 203 -35.91 1.64 -67.26
CA SER B 203 -34.80 1.05 -68.01
C SER B 203 -35.16 -0.39 -68.35
N PRO B 204 -36.15 -0.59 -69.23
CA PRO B 204 -36.58 -1.97 -69.52
C PRO B 204 -35.62 -2.72 -70.42
N VAL B 205 -35.13 -2.08 -71.48
CA VAL B 205 -34.34 -2.77 -72.50
C VAL B 205 -32.86 -2.44 -72.41
N THR B 206 -32.43 -1.83 -71.31
CA THR B 206 -31.02 -1.46 -71.13
C THR B 206 -30.26 -2.67 -70.60
N LYS B 207 -29.48 -3.31 -71.47
CA LYS B 207 -28.66 -4.44 -71.07
C LYS B 207 -27.48 -4.56 -72.02
N SER B 208 -26.28 -4.52 -71.47
CA SER B 208 -25.08 -4.74 -72.27
C SER B 208 -24.97 -6.23 -72.63
N PHE B 209 -24.17 -6.50 -73.67
CA PHE B 209 -24.02 -7.86 -74.16
C PHE B 209 -22.61 -8.05 -74.70
N ASN B 210 -22.21 -9.31 -74.80
CA ASN B 210 -20.90 -9.69 -75.31
C ASN B 210 -21.05 -10.82 -76.32
N ARG B 211 -20.01 -11.02 -77.12
CA ARG B 211 -19.99 -12.08 -78.11
C ARG B 211 -18.63 -12.77 -78.09
N GLY B 212 -18.62 -14.03 -78.49
CA GLY B 212 -17.39 -14.80 -78.51
C GLY B 212 -17.28 -15.78 -77.36
N GLU C 1 -6.00 4.32 -28.52
CA GLU C 1 -5.32 3.98 -27.27
C GLU C 1 -6.02 2.83 -26.58
N VAL C 2 -7.24 3.07 -26.12
CA VAL C 2 -8.06 2.04 -25.49
C VAL C 2 -8.74 1.24 -26.59
N GLN C 3 -8.63 -0.09 -26.51
CA GLN C 3 -9.15 -0.95 -27.57
C GLN C 3 -9.09 -2.40 -27.13
N LEU C 4 -9.91 -3.23 -27.77
CA LEU C 4 -9.91 -4.67 -27.56
C LEU C 4 -9.73 -5.35 -28.91
N VAL C 5 -8.88 -6.37 -28.95
CA VAL C 5 -8.55 -7.07 -30.19
C VAL C 5 -8.83 -8.55 -30.00
N GLU C 6 -9.64 -9.12 -30.89
CA GLU C 6 -9.94 -10.55 -30.85
C GLU C 6 -8.84 -11.35 -31.54
N SER C 7 -8.79 -12.64 -31.22
CA SER C 7 -7.89 -13.57 -31.88
C SER C 7 -8.36 -14.99 -31.57
N GLY C 8 -7.87 -15.93 -32.37
CA GLY C 8 -8.14 -17.34 -32.14
C GLY C 8 -9.33 -17.90 -32.90
N GLY C 9 -10.10 -17.06 -33.58
CA GLY C 9 -11.22 -17.55 -34.35
C GLY C 9 -10.79 -18.20 -35.64
N GLY C 10 -11.72 -18.93 -36.25
CA GLY C 10 -11.46 -19.57 -37.52
C GLY C 10 -12.32 -20.81 -37.68
N LEU C 11 -11.91 -21.66 -38.61
CA LEU C 11 -12.66 -22.87 -38.92
C LEU C 11 -12.42 -23.92 -37.85
N VAL C 12 -13.52 -24.53 -37.37
CA VAL C 12 -13.46 -25.58 -36.36
C VAL C 12 -14.37 -26.72 -36.79
N GLN C 13 -13.89 -27.94 -36.63
CA GLN C 13 -14.74 -29.10 -36.88
C GLN C 13 -15.83 -29.17 -35.81
N PRO C 14 -17.00 -29.71 -36.17
CA PRO C 14 -18.05 -29.88 -35.17
C PRO C 14 -17.58 -30.74 -34.01
N GLY C 15 -17.94 -30.33 -32.80
CA GLY C 15 -17.45 -30.98 -31.60
C GLY C 15 -16.04 -30.61 -31.21
N GLY C 16 -15.46 -29.57 -31.82
CA GLY C 16 -14.11 -29.15 -31.52
C GLY C 16 -14.04 -28.04 -30.50
N SER C 17 -12.87 -27.41 -30.43
CA SER C 17 -12.60 -26.33 -29.49
C SER C 17 -11.59 -25.39 -30.11
N LEU C 18 -11.74 -24.09 -29.84
CA LEU C 18 -10.81 -23.12 -30.41
C LEU C 18 -10.31 -22.04 -29.44
N ARG C 19 -11.00 -21.74 -28.34
CA ARG C 19 -10.49 -20.84 -27.31
C ARG C 19 -10.18 -19.44 -27.87
N LEU C 20 -11.25 -18.71 -28.18
CA LEU C 20 -11.10 -17.31 -28.54
C LEU C 20 -10.41 -16.54 -27.42
N SER C 21 -9.65 -15.52 -27.81
CA SER C 21 -8.94 -14.68 -26.86
C SER C 21 -9.13 -13.21 -27.26
N CYS C 22 -8.96 -12.33 -26.28
CA CYS C 22 -9.19 -10.90 -26.47
C CYS C 22 -8.15 -10.14 -25.65
N ALA C 23 -7.33 -9.35 -26.34
CA ALA C 23 -6.27 -8.57 -25.72
C ALA C 23 -6.71 -7.12 -25.61
N ALA C 24 -6.48 -6.52 -24.45
CA ALA C 24 -6.94 -5.17 -24.16
C ALA C 24 -5.77 -4.21 -24.06
N SER C 25 -5.97 -2.99 -24.54
CA SER C 25 -5.01 -1.91 -24.38
C SER C 25 -5.74 -0.73 -23.75
N GLY C 26 -5.23 -0.26 -22.62
CA GLY C 26 -5.88 0.78 -21.86
C GLY C 26 -6.92 0.29 -20.88
N ILE C 27 -7.21 -1.00 -20.85
CA ILE C 27 -8.21 -1.59 -19.96
C ILE C 27 -7.54 -2.73 -19.20
N ILE C 28 -7.76 -2.78 -17.88
CA ILE C 28 -7.12 -3.78 -17.05
C ILE C 28 -7.84 -5.13 -17.07
N VAL C 29 -9.02 -5.20 -17.69
CA VAL C 29 -9.76 -6.45 -17.87
C VAL C 29 -10.14 -7.06 -16.53
N SER C 30 -9.16 -7.28 -15.64
CA SER C 30 -9.45 -7.80 -14.32
C SER C 30 -10.18 -6.79 -13.45
N ASP C 31 -10.25 -5.53 -13.85
CA ASP C 31 -10.94 -4.49 -13.10
C ASP C 31 -12.26 -4.08 -13.76
N ASN C 32 -12.74 -4.88 -14.71
CA ASN C 32 -13.91 -4.51 -15.49
C ASN C 32 -14.85 -5.70 -15.62
N TYR C 33 -16.11 -5.40 -15.91
CA TYR C 33 -17.06 -6.41 -16.35
C TYR C 33 -16.78 -6.70 -17.81
N MET C 34 -16.34 -7.92 -18.11
CA MET C 34 -15.94 -8.30 -19.46
C MET C 34 -16.92 -9.33 -19.99
N SER C 35 -17.47 -9.07 -21.17
CA SER C 35 -18.51 -9.90 -21.73
C SER C 35 -18.12 -10.39 -23.12
N TRP C 36 -18.64 -11.56 -23.48
CA TRP C 36 -18.56 -12.08 -24.83
C TRP C 36 -19.96 -12.08 -25.43
N VAL C 37 -20.09 -11.43 -26.59
CA VAL C 37 -21.34 -11.36 -27.34
C VAL C 37 -21.08 -12.03 -28.68
N ARG C 38 -22.12 -12.57 -29.29
CA ARG C 38 -21.97 -13.21 -30.59
C ARG C 38 -23.13 -12.84 -31.50
N GLN C 39 -22.84 -12.86 -32.80
CA GLN C 39 -23.82 -12.54 -33.84
C GLN C 39 -23.71 -13.60 -34.93
N ALA C 40 -24.76 -14.40 -35.09
CA ALA C 40 -24.80 -15.35 -36.18
C ALA C 40 -24.91 -14.61 -37.50
N PRO C 41 -24.38 -15.19 -38.58
CA PRO C 41 -24.43 -14.50 -39.88
C PRO C 41 -25.86 -14.19 -40.30
N GLY C 42 -26.15 -12.90 -40.45
CA GLY C 42 -27.48 -12.46 -40.83
C GLY C 42 -28.49 -12.42 -39.71
N LYS C 43 -28.07 -12.51 -38.46
CA LYS C 43 -28.96 -12.51 -37.30
C LYS C 43 -28.57 -11.39 -36.35
N GLY C 44 -29.29 -11.32 -35.23
CA GLY C 44 -29.08 -10.28 -34.26
C GLY C 44 -27.99 -10.61 -33.24
N LEU C 45 -27.70 -9.62 -32.41
CA LEU C 45 -26.70 -9.80 -31.35
C LEU C 45 -27.23 -10.72 -30.27
N GLU C 46 -26.35 -11.55 -29.72
CA GLU C 46 -26.72 -12.47 -28.66
C GLU C 46 -25.63 -12.46 -27.61
N TRP C 47 -26.00 -12.14 -26.37
CA TRP C 47 -25.04 -12.17 -25.28
C TRP C 47 -24.68 -13.61 -24.96
N VAL C 48 -23.37 -13.88 -24.88
CA VAL C 48 -22.90 -15.23 -24.65
C VAL C 48 -22.52 -15.41 -23.19
N SER C 49 -21.61 -14.57 -22.69
CA SER C 49 -21.09 -14.77 -21.35
C SER C 49 -20.63 -13.44 -20.76
N VAL C 50 -20.47 -13.43 -19.44
CA VAL C 50 -19.96 -12.26 -18.74
C VAL C 50 -19.16 -12.72 -17.53
N ILE C 51 -18.15 -11.92 -17.19
CA ILE C 51 -17.38 -12.11 -15.96
C ILE C 51 -17.29 -10.76 -15.26
N TYR C 52 -17.65 -10.74 -13.99
CA TYR C 52 -17.58 -9.53 -13.18
C TYR C 52 -16.12 -9.23 -12.81
N THR C 53 -15.87 -8.01 -12.34
CA THR C 53 -14.54 -7.72 -11.83
C THR C 53 -14.25 -8.47 -10.54
N GLY C 54 -15.28 -8.94 -9.85
CA GLY C 54 -15.13 -9.79 -8.69
C GLY C 54 -14.94 -11.25 -9.00
N GLY C 55 -15.05 -11.65 -10.26
CA GLY C 55 -14.81 -13.01 -10.67
C GLY C 55 -16.05 -13.83 -10.96
N SER C 56 -17.23 -13.32 -10.65
CA SER C 56 -18.46 -14.06 -10.92
C SER C 56 -18.67 -14.19 -12.43
N THR C 57 -19.04 -15.39 -12.87
CA THR C 57 -19.22 -15.67 -14.28
C THR C 57 -20.63 -16.14 -14.55
N PHE C 58 -21.20 -15.64 -15.64
CA PHE C 58 -22.54 -16.01 -16.08
C PHE C 58 -22.50 -16.38 -17.55
N TYR C 59 -23.34 -17.32 -17.94
CA TYR C 59 -23.37 -17.84 -19.30
C TYR C 59 -24.79 -17.88 -19.82
N ALA C 60 -24.93 -17.79 -21.13
CA ALA C 60 -26.22 -17.98 -21.77
C ALA C 60 -26.66 -19.44 -21.64
N ASP C 61 -27.98 -19.64 -21.70
CA ASP C 61 -28.52 -20.99 -21.53
C ASP C 61 -28.02 -21.95 -22.60
N SER C 62 -27.83 -21.46 -23.83
CA SER C 62 -27.42 -22.32 -24.93
C SER C 62 -25.94 -22.68 -24.89
N VAL C 63 -25.15 -22.05 -24.03
CA VAL C 63 -23.72 -22.30 -23.96
C VAL C 63 -23.28 -22.79 -22.58
N LYS C 64 -24.24 -23.02 -21.68
CA LYS C 64 -23.90 -23.47 -20.34
C LYS C 64 -23.24 -24.83 -20.38
N GLY C 65 -22.13 -24.96 -19.64
CA GLY C 65 -21.36 -26.18 -19.59
C GLY C 65 -20.30 -26.33 -20.67
N ARG C 66 -20.56 -25.79 -21.86
CA ARG C 66 -19.61 -25.90 -22.96
C ARG C 66 -18.63 -24.74 -23.01
N PHE C 67 -19.08 -23.54 -22.69
CA PHE C 67 -18.24 -22.34 -22.76
C PHE C 67 -17.72 -22.01 -21.38
N THR C 68 -16.49 -21.48 -21.34
CA THR C 68 -15.86 -21.06 -20.10
C THR C 68 -15.16 -19.73 -20.33
N ILE C 69 -15.62 -18.70 -19.65
CA ILE C 69 -14.99 -17.39 -19.72
C ILE C 69 -13.95 -17.29 -18.62
N SER C 70 -12.82 -16.67 -18.93
CA SER C 70 -11.74 -16.56 -17.95
C SER C 70 -10.95 -15.29 -18.22
N ARG C 71 -10.18 -14.89 -17.22
CA ARG C 71 -9.29 -13.74 -17.33
C ARG C 71 -7.89 -14.17 -16.95
N ASP C 72 -6.89 -13.43 -17.45
CA ASP C 72 -5.52 -13.68 -17.03
C ASP C 72 -4.82 -12.32 -16.99
N ARG C 73 -4.33 -11.97 -15.80
CA ARG C 73 -3.84 -10.62 -15.53
C ARG C 73 -2.63 -10.27 -16.39
N SER C 74 -1.68 -11.20 -16.50
CA SER C 74 -0.57 -11.01 -17.42
C SER C 74 -1.09 -10.99 -18.85
N LYS C 75 -0.45 -10.19 -19.69
CA LYS C 75 -0.87 -10.03 -21.09
C LYS C 75 -2.23 -9.33 -21.17
N ASN C 76 -2.87 -9.11 -20.02
CA ASN C 76 -4.15 -8.40 -19.93
C ASN C 76 -5.19 -9.03 -20.87
N THR C 77 -5.50 -10.30 -20.62
CA THR C 77 -6.21 -11.09 -21.60
C THR C 77 -7.52 -11.63 -21.04
N LEU C 78 -8.57 -11.60 -21.86
CA LEU C 78 -9.85 -12.22 -21.55
C LEU C 78 -10.09 -13.35 -22.56
N ASP C 79 -10.29 -14.56 -22.07
CA ASP C 79 -10.41 -15.73 -22.92
C ASP C 79 -11.80 -16.33 -22.82
N LEU C 80 -12.23 -16.96 -23.90
CA LEU C 80 -13.45 -17.76 -23.94
C LEU C 80 -13.11 -19.10 -24.56
N GLN C 81 -13.09 -20.15 -23.75
CA GLN C 81 -12.84 -21.51 -24.22
C GLN C 81 -14.17 -22.15 -24.56
N MET C 82 -14.33 -22.52 -25.83
CA MET C 82 -15.57 -23.09 -26.33
C MET C 82 -15.35 -24.56 -26.66
N ASN C 83 -16.24 -25.43 -26.18
CA ASN C 83 -16.10 -26.86 -26.36
C ASN C 83 -17.40 -27.43 -26.91
N SER C 84 -17.27 -28.58 -27.59
CA SER C 84 -18.41 -29.29 -28.17
C SER C 84 -19.20 -28.39 -29.11
N LEU C 85 -18.48 -27.69 -29.98
CA LEU C 85 -19.11 -26.74 -30.89
C LEU C 85 -19.99 -27.45 -31.90
N SER C 86 -21.10 -26.80 -32.26
CA SER C 86 -22.00 -27.27 -33.30
C SER C 86 -22.20 -26.15 -34.31
N ALA C 87 -23.03 -26.41 -35.33
CA ALA C 87 -23.27 -25.43 -36.37
C ALA C 87 -23.96 -24.18 -35.83
N GLU C 88 -24.66 -24.28 -34.70
CA GLU C 88 -25.33 -23.13 -34.13
C GLU C 88 -24.36 -22.14 -33.49
N ASP C 89 -23.10 -22.52 -33.31
CA ASP C 89 -22.11 -21.63 -32.72
C ASP C 89 -21.30 -20.87 -33.76
N THR C 90 -21.57 -21.08 -35.05
CA THR C 90 -20.89 -20.32 -36.11
C THR C 90 -21.38 -18.88 -36.06
N ALA C 91 -20.48 -17.95 -35.75
CA ALA C 91 -20.89 -16.57 -35.51
C ALA C 91 -19.64 -15.70 -35.36
N VAL C 92 -19.86 -14.39 -35.38
CA VAL C 92 -18.83 -13.42 -35.06
C VAL C 92 -18.91 -13.11 -33.57
N TYR C 93 -17.78 -13.24 -32.88
CA TYR C 93 -17.71 -13.04 -31.44
C TYR C 93 -16.98 -11.75 -31.13
N TYR C 94 -17.58 -10.93 -30.28
CA TYR C 94 -17.01 -9.67 -29.82
C TYR C 94 -16.75 -9.75 -28.32
N CYS C 95 -15.58 -9.30 -27.90
CA CYS C 95 -15.33 -9.05 -26.48
C CYS C 95 -15.67 -7.60 -26.20
N ALA C 96 -16.47 -7.37 -25.16
CA ALA C 96 -16.97 -6.04 -24.84
C ALA C 96 -16.75 -5.78 -23.36
N ARG C 97 -16.74 -4.50 -23.01
CA ARG C 97 -16.60 -4.04 -21.64
C ARG C 97 -17.90 -3.38 -21.22
N ALA C 98 -18.48 -3.87 -20.12
CA ALA C 98 -19.65 -3.24 -19.52
C ALA C 98 -19.15 -2.26 -18.47
N LEU C 99 -19.39 -0.97 -18.70
CA LEU C 99 -18.91 0.08 -17.81
C LEU C 99 -19.99 0.39 -16.78
N GLY C 100 -19.67 0.22 -15.50
CA GLY C 100 -20.63 0.50 -14.45
C GLY C 100 -21.13 1.92 -14.48
N ALA C 101 -20.24 2.88 -14.78
CA ALA C 101 -20.63 4.27 -14.84
C ALA C 101 -21.72 4.51 -15.87
N TYR C 102 -21.79 3.66 -16.91
CA TYR C 102 -22.84 3.72 -17.91
C TYR C 102 -23.99 2.78 -17.61
N ASP C 103 -24.16 2.41 -16.33
CA ASP C 103 -25.14 1.38 -15.94
C ASP C 103 -24.88 0.07 -16.66
N TYR C 104 -23.60 -0.27 -16.80
CA TYR C 104 -23.15 -1.53 -17.39
C TYR C 104 -23.61 -1.68 -18.83
N ALA C 105 -23.44 -0.61 -19.60
CA ALA C 105 -23.60 -0.65 -21.04
C ALA C 105 -22.27 -1.00 -21.69
N PHE C 106 -22.35 -1.68 -22.84
CA PHE C 106 -21.15 -2.14 -23.53
C PHE C 106 -20.58 -0.98 -24.34
N ASP C 107 -19.80 -0.15 -23.65
CA ASP C 107 -19.20 1.02 -24.31
C ASP C 107 -18.01 0.65 -25.18
N LEU C 108 -17.24 -0.36 -24.78
CA LEU C 108 -16.06 -0.78 -25.51
C LEU C 108 -16.32 -2.12 -26.18
N TRP C 109 -16.01 -2.20 -27.48
CA TRP C 109 -16.22 -3.41 -28.26
C TRP C 109 -14.95 -3.75 -29.03
N GLY C 110 -14.73 -5.05 -29.21
CA GLY C 110 -13.70 -5.50 -30.12
C GLY C 110 -14.19 -5.55 -31.55
N GLN C 111 -13.25 -5.77 -32.47
CA GLN C 111 -13.60 -5.79 -33.89
C GLN C 111 -14.36 -7.05 -34.28
N GLY C 112 -14.33 -8.09 -33.45
CA GLY C 112 -15.06 -9.31 -33.74
C GLY C 112 -14.24 -10.33 -34.51
N ASN C 113 -14.37 -11.60 -34.13
CA ASN C 113 -13.69 -12.70 -34.81
C ASN C 113 -14.74 -13.73 -35.21
N LEU C 114 -14.74 -14.12 -36.48
CA LEU C 114 -15.71 -15.07 -36.98
C LEU C 114 -15.20 -16.49 -36.76
N VAL C 115 -16.02 -17.32 -36.13
CA VAL C 115 -15.75 -18.74 -35.99
C VAL C 115 -16.79 -19.50 -36.82
N THR C 116 -16.31 -20.46 -37.61
CA THR C 116 -17.15 -21.26 -38.49
C THR C 116 -17.04 -22.71 -38.05
N VAL C 117 -18.17 -23.33 -37.74
CA VAL C 117 -18.19 -24.72 -37.31
C VAL C 117 -18.73 -25.57 -38.45
N SER C 118 -17.85 -26.10 -39.28
CA SER C 118 -18.25 -26.90 -40.42
C SER C 118 -17.19 -27.98 -40.67
N SER C 119 -17.64 -29.10 -41.23
CA SER C 119 -16.74 -30.22 -41.51
C SER C 119 -15.94 -30.04 -42.79
N ALA C 120 -16.28 -29.06 -43.62
CA ALA C 120 -15.54 -28.82 -44.85
C ALA C 120 -14.14 -28.29 -44.55
N SER C 121 -13.28 -28.34 -45.55
CA SER C 121 -11.89 -27.92 -45.41
C SER C 121 -11.64 -26.63 -46.19
N THR C 122 -10.65 -25.87 -45.71
CA THR C 122 -10.30 -24.59 -46.31
C THR C 122 -9.67 -24.81 -47.69
N LYS C 123 -9.80 -23.78 -48.54
CA LYS C 123 -9.17 -23.81 -49.85
C LYS C 123 -9.01 -22.37 -50.35
N GLY C 124 -8.16 -22.20 -51.35
CA GLY C 124 -7.69 -20.90 -51.77
C GLY C 124 -8.71 -20.06 -52.52
N PRO C 125 -8.50 -18.73 -52.49
CA PRO C 125 -9.42 -17.83 -53.21
C PRO C 125 -9.52 -18.08 -54.70
N SER C 126 -8.41 -18.43 -55.37
CA SER C 126 -8.40 -18.68 -56.81
C SER C 126 -8.98 -17.49 -57.58
N VAL C 127 -8.28 -16.36 -57.48
CA VAL C 127 -8.82 -15.09 -57.96
C VAL C 127 -8.65 -14.98 -59.48
N PHE C 128 -9.46 -14.13 -60.09
CA PHE C 128 -9.48 -13.86 -61.51
C PHE C 128 -9.72 -12.38 -61.75
N PRO C 129 -9.26 -11.85 -62.89
CA PRO C 129 -9.62 -10.48 -63.28
C PRO C 129 -10.88 -10.47 -64.14
N LEU C 130 -11.53 -9.31 -64.14
CA LEU C 130 -12.71 -9.04 -64.98
C LEU C 130 -12.55 -7.72 -65.69
N ALA C 131 -11.41 -7.54 -66.36
CA ALA C 131 -10.99 -6.31 -67.06
C ALA C 131 -12.15 -5.65 -67.80
N PRO C 132 -12.24 -4.32 -67.75
CA PRO C 132 -13.38 -3.62 -68.36
C PRO C 132 -13.50 -3.92 -69.85
N SER C 133 -14.65 -4.46 -70.24
CA SER C 133 -14.91 -4.79 -71.62
C SER C 133 -15.13 -3.52 -72.45
N SER C 134 -14.91 -3.65 -73.77
CA SER C 134 -15.11 -2.53 -74.66
C SER C 134 -16.57 -2.10 -74.72
N LYS C 135 -17.50 -3.04 -74.53
CA LYS C 135 -18.92 -2.70 -74.54
C LYS C 135 -19.27 -1.77 -73.38
N SER C 136 -18.75 -2.07 -72.19
CA SER C 136 -19.02 -1.25 -71.02
C SER C 136 -17.97 -1.48 -69.94
N ALA C 142 -15.92 0.74 -67.50
CA ALA C 142 -15.46 1.70 -66.51
C ALA C 142 -15.28 1.04 -65.15
N ALA C 143 -15.54 -0.26 -65.10
CA ALA C 143 -15.41 -1.04 -63.87
C ALA C 143 -14.41 -2.17 -64.10
N LEU C 144 -13.48 -2.35 -63.17
CA LEU C 144 -12.43 -3.35 -63.31
C LEU C 144 -12.77 -4.66 -62.62
N GLY C 145 -12.93 -4.64 -61.29
CA GLY C 145 -13.35 -5.81 -60.56
C GLY C 145 -12.30 -6.89 -60.40
N CYS C 146 -12.36 -7.60 -59.26
CA CYS C 146 -11.63 -8.84 -59.05
C CYS C 146 -12.59 -9.89 -58.53
N LEU C 147 -12.50 -11.10 -59.07
CA LEU C 147 -13.41 -12.19 -58.75
C LEU C 147 -12.68 -13.21 -57.89
N VAL C 148 -13.34 -13.70 -56.86
CA VAL C 148 -12.76 -14.62 -55.89
C VAL C 148 -13.67 -15.84 -55.85
N LYS C 149 -13.28 -16.90 -56.55
CA LYS C 149 -14.14 -18.05 -56.78
C LYS C 149 -13.65 -19.27 -56.00
N ASP C 150 -14.59 -19.96 -55.36
CA ASP C 150 -14.34 -21.25 -54.70
C ASP C 150 -13.29 -21.12 -53.59
N TYR C 151 -13.69 -20.39 -52.54
CA TYR C 151 -12.98 -20.39 -51.27
C TYR C 151 -13.98 -20.74 -50.17
N PHE C 152 -13.60 -21.66 -49.29
CA PHE C 152 -14.56 -22.05 -48.26
C PHE C 152 -14.61 -21.07 -47.09
N PRO C 153 -13.50 -20.73 -46.43
CA PRO C 153 -13.61 -19.88 -45.23
C PRO C 153 -14.20 -18.52 -45.57
N GLU C 154 -15.17 -18.10 -44.77
CA GLU C 154 -15.94 -16.90 -45.10
C GLU C 154 -15.11 -15.62 -45.13
N PRO C 155 -14.29 -15.28 -44.12
CA PRO C 155 -13.73 -13.91 -44.08
C PRO C 155 -12.68 -13.67 -45.15
N VAL C 156 -13.06 -12.90 -46.18
CA VAL C 156 -12.15 -12.47 -47.23
C VAL C 156 -12.16 -10.95 -47.29
N THR C 157 -10.98 -10.34 -47.21
CA THR C 157 -10.84 -8.90 -47.27
C THR C 157 -10.26 -8.52 -48.63
N VAL C 158 -10.85 -7.52 -49.26
CA VAL C 158 -10.43 -7.06 -50.58
C VAL C 158 -10.14 -5.57 -50.47
N SER C 159 -8.87 -5.22 -50.33
CA SER C 159 -8.41 -3.84 -50.39
C SER C 159 -7.62 -3.65 -51.67
N TRP C 160 -8.01 -2.66 -52.47
CA TRP C 160 -7.50 -2.60 -53.84
C TRP C 160 -6.08 -2.03 -53.90
N ASN C 161 -5.92 -0.76 -53.59
CA ASN C 161 -4.60 -0.13 -53.68
C ASN C 161 -3.89 -0.14 -52.34
N SER C 162 -3.82 -1.32 -51.72
CA SER C 162 -3.26 -1.48 -50.37
C SER C 162 -3.90 -0.49 -49.39
N GLY C 163 -5.18 -0.17 -49.61
CA GLY C 163 -5.90 0.80 -48.82
C GLY C 163 -5.92 2.19 -49.38
N ALA C 164 -5.18 2.47 -50.46
CA ALA C 164 -5.14 3.82 -51.01
C ALA C 164 -6.40 4.15 -51.80
N LEU C 165 -6.96 3.18 -52.52
CA LEU C 165 -8.14 3.41 -53.34
C LEU C 165 -9.38 3.04 -52.55
N THR C 166 -10.27 4.02 -52.36
CA THR C 166 -11.51 3.79 -51.62
C THR C 166 -12.73 4.42 -52.28
N SER C 167 -12.58 5.13 -53.38
CA SER C 167 -13.70 5.75 -54.08
C SER C 167 -14.19 4.79 -55.16
N GLY C 168 -15.48 4.46 -55.11
CA GLY C 168 -16.04 3.50 -56.04
C GLY C 168 -15.81 2.05 -55.67
N VAL C 169 -15.23 1.78 -54.50
CA VAL C 169 -14.99 0.41 -54.08
C VAL C 169 -16.31 -0.24 -53.71
N HIS C 170 -16.65 -1.33 -54.40
CA HIS C 170 -17.91 -2.05 -54.17
C HIS C 170 -17.56 -3.53 -54.01
N THR C 171 -17.31 -3.94 -52.77
CA THR C 171 -17.06 -5.35 -52.47
C THR C 171 -18.38 -5.98 -52.07
N PHE C 172 -18.86 -6.90 -52.90
CA PHE C 172 -20.16 -7.51 -52.67
C PHE C 172 -20.10 -8.56 -51.58
N PRO C 173 -21.20 -8.79 -50.87
CA PRO C 173 -21.21 -9.87 -49.88
C PRO C 173 -20.97 -11.22 -50.54
N ALA C 174 -20.29 -12.10 -49.83
CA ALA C 174 -20.05 -13.45 -50.32
C ALA C 174 -21.35 -14.23 -50.40
N VAL C 175 -21.48 -15.05 -51.43
CA VAL C 175 -22.68 -15.84 -51.66
C VAL C 175 -22.26 -17.31 -51.78
N LEU C 176 -22.99 -18.18 -51.08
CA LEU C 176 -22.65 -19.60 -51.07
C LEU C 176 -22.87 -20.22 -52.45
N GLN C 177 -21.83 -20.86 -52.97
CA GLN C 177 -21.89 -21.48 -54.28
C GLN C 177 -22.73 -22.76 -54.22
N SER C 178 -23.05 -23.28 -55.41
CA SER C 178 -23.76 -24.55 -55.49
C SER C 178 -22.91 -25.70 -54.94
N SER C 179 -21.61 -25.67 -55.23
CA SER C 179 -20.71 -26.71 -54.72
C SER C 179 -20.64 -26.70 -53.20
N GLY C 180 -20.60 -25.53 -52.60
CA GLY C 180 -20.47 -25.42 -51.15
C GLY C 180 -19.38 -24.46 -50.75
N LEU C 181 -18.89 -23.69 -51.71
CA LEU C 181 -17.85 -22.69 -51.49
C LEU C 181 -18.45 -21.29 -51.64
N TYR C 182 -17.60 -20.28 -51.53
CA TYR C 182 -18.05 -18.89 -51.54
C TYR C 182 -17.46 -18.15 -52.73
N SER C 183 -18.19 -17.14 -53.20
CA SER C 183 -17.79 -16.33 -54.33
C SER C 183 -17.87 -14.85 -53.97
N LEU C 184 -16.88 -14.09 -54.41
CA LEU C 184 -16.75 -12.67 -54.15
C LEU C 184 -16.57 -11.97 -55.49
N SER C 185 -17.16 -10.79 -55.65
CA SER C 185 -17.22 -10.13 -56.94
C SER C 185 -16.84 -8.66 -56.82
N SER C 186 -15.70 -8.37 -56.20
CA SER C 186 -15.35 -6.99 -55.90
C SER C 186 -15.21 -6.20 -57.20
N VAL C 187 -15.52 -4.90 -57.14
CA VAL C 187 -15.50 -4.06 -58.33
C VAL C 187 -15.23 -2.61 -57.93
N VAL C 188 -14.61 -1.89 -58.85
CA VAL C 188 -14.31 -0.47 -58.68
C VAL C 188 -14.65 0.24 -59.97
N THR C 189 -15.43 1.31 -59.88
CA THR C 189 -15.90 2.05 -61.05
C THR C 189 -15.06 3.31 -61.25
N VAL C 190 -14.34 3.37 -62.36
CA VAL C 190 -13.59 4.56 -62.75
C VAL C 190 -13.74 4.75 -64.25
N PRO C 191 -14.31 5.87 -64.71
CA PRO C 191 -14.49 6.05 -66.16
C PRO C 191 -13.19 6.00 -66.95
N SER C 192 -12.11 6.57 -66.41
CA SER C 192 -10.82 6.59 -67.10
C SER C 192 -9.71 7.05 -66.17
N SER C 193 -8.57 6.36 -66.19
CA SER C 193 -7.40 6.79 -65.44
C SER C 193 -6.10 6.62 -66.21
N SER C 194 -6.14 6.20 -67.48
CA SER C 194 -4.94 6.05 -68.31
C SER C 194 -3.93 5.11 -67.67
N LEU C 195 -4.41 3.93 -67.26
CA LEU C 195 -3.55 2.89 -66.67
C LEU C 195 -2.79 3.43 -65.46
N GLY C 196 -3.49 4.15 -64.59
CA GLY C 196 -2.87 4.71 -63.41
C GLY C 196 -3.05 3.85 -62.17
N THR C 197 -3.93 4.29 -61.28
CA THR C 197 -4.22 3.56 -60.05
C THR C 197 -5.31 2.51 -60.22
N GLN C 198 -5.84 2.36 -61.44
CA GLN C 198 -6.91 1.38 -61.66
C GLN C 198 -6.43 -0.04 -61.39
N THR C 199 -5.30 -0.43 -61.98
CA THR C 199 -4.84 -1.81 -61.96
C THR C 199 -3.50 -1.90 -61.23
N TYR C 200 -2.90 -3.10 -61.29
CA TYR C 200 -1.59 -3.37 -60.68
C TYR C 200 -1.61 -3.13 -59.18
N ILE C 201 -2.65 -3.62 -58.51
CA ILE C 201 -2.85 -3.39 -57.08
C ILE C 201 -3.36 -4.65 -56.42
N CYS C 202 -3.25 -4.69 -55.09
CA CYS C 202 -3.60 -5.87 -54.32
C CYS C 202 -5.10 -6.18 -54.40
N ASN C 203 -5.43 -7.48 -54.38
CA ASN C 203 -6.83 -7.88 -54.45
C ASN C 203 -7.30 -8.63 -53.21
N VAL C 204 -6.69 -9.76 -52.86
CA VAL C 204 -7.32 -10.70 -51.92
C VAL C 204 -6.31 -11.17 -50.88
N ASN C 205 -6.84 -11.56 -49.72
CA ASN C 205 -6.13 -12.26 -48.66
C ASN C 205 -7.15 -12.74 -47.63
N HIS C 206 -6.95 -13.94 -47.10
CA HIS C 206 -7.89 -14.52 -46.14
C HIS C 206 -7.14 -15.53 -45.28
N LYS C 207 -7.88 -16.42 -44.61
CA LYS C 207 -7.31 -17.18 -43.50
C LYS C 207 -6.07 -17.99 -43.88
N PRO C 208 -6.03 -18.77 -44.97
CA PRO C 208 -4.74 -19.33 -45.40
C PRO C 208 -3.76 -18.24 -45.80
N SER C 209 -2.48 -18.59 -45.78
CA SER C 209 -1.43 -17.63 -46.11
C SER C 209 -1.29 -17.52 -47.62
N ASN C 210 -2.13 -16.69 -48.23
CA ASN C 210 -2.04 -16.38 -49.65
C ASN C 210 -2.64 -15.01 -49.92
N THR C 211 -1.94 -14.22 -50.73
CA THR C 211 -2.23 -12.79 -50.90
C THR C 211 -2.19 -12.46 -52.40
N LYS C 212 -2.99 -13.18 -53.19
CA LYS C 212 -2.98 -13.02 -54.65
C LYS C 212 -3.22 -11.57 -55.06
N VAL C 213 -2.40 -11.08 -55.99
CA VAL C 213 -2.40 -9.67 -56.42
C VAL C 213 -2.62 -9.64 -57.93
N ASP C 214 -3.45 -10.56 -58.45
CA ASP C 214 -3.64 -10.68 -59.89
C ASP C 214 -4.04 -9.34 -60.51
N LYS C 215 -3.40 -9.03 -61.64
CA LYS C 215 -3.59 -7.75 -62.32
C LYS C 215 -4.72 -7.85 -63.34
N LYS C 216 -5.59 -6.83 -63.35
CA LYS C 216 -6.68 -6.74 -64.31
C LYS C 216 -6.29 -5.79 -65.44
N VAL C 217 -5.45 -6.29 -66.33
CA VAL C 217 -4.99 -5.51 -67.47
C VAL C 217 -6.05 -5.51 -68.56
N GLU C 218 -6.07 -4.44 -69.35
CA GLU C 218 -7.07 -4.31 -70.39
C GLU C 218 -6.86 -5.39 -71.45
N PRO C 219 -7.93 -5.95 -72.02
CA PRO C 219 -7.84 -6.99 -73.05
C PRO C 219 -7.31 -6.46 -74.38
N GLU D 1 18.77 26.63 24.71
CA GLU D 1 17.43 26.99 25.17
C GLU D 1 16.86 25.91 26.09
N VAL D 2 16.60 24.73 25.52
CA VAL D 2 16.04 23.63 26.30
C VAL D 2 17.09 23.15 27.29
N GLN D 3 16.68 23.01 28.55
CA GLN D 3 17.60 22.53 29.57
C GLN D 3 16.80 21.93 30.72
N LEU D 4 17.47 21.06 31.47
CA LEU D 4 16.93 20.47 32.68
C LEU D 4 17.87 20.80 33.83
N VAL D 5 17.32 21.31 34.92
CA VAL D 5 18.09 21.74 36.08
C VAL D 5 17.75 20.84 37.26
N GLN D 6 18.77 20.46 38.00
CA GLN D 6 18.67 19.62 39.18
C GLN D 6 19.48 20.25 40.31
N PRO D 7 19.15 19.94 41.57
CA PRO D 7 19.99 20.39 42.67
C PRO D 7 21.41 19.86 42.55
N GLY D 8 22.37 20.68 43.01
CA GLY D 8 23.76 20.29 42.92
C GLY D 8 24.07 19.05 43.75
N ALA D 9 23.55 19.01 44.97
CA ALA D 9 23.76 17.88 45.86
C ALA D 9 22.64 17.86 46.89
N GLU D 10 22.44 16.70 47.51
CA GLU D 10 21.34 16.55 48.47
C GLU D 10 21.74 15.45 49.46
N VAL D 11 22.22 15.87 50.63
CA VAL D 11 22.61 14.93 51.68
C VAL D 11 21.42 14.65 52.58
N LYS D 12 21.31 13.41 53.04
CA LYS D 12 20.17 13.03 53.87
C LYS D 12 20.55 11.85 54.75
N LYS D 13 19.75 11.66 55.80
CA LYS D 13 19.96 10.57 56.73
C LYS D 13 19.57 9.24 56.06
N PRO D 14 20.35 8.19 56.23
CA PRO D 14 19.91 6.87 55.77
C PRO D 14 18.59 6.48 56.43
N GLY D 15 17.71 5.87 55.64
CA GLY D 15 16.39 5.51 56.12
C GLY D 15 15.38 6.62 56.13
N GLU D 16 15.74 7.82 55.67
CA GLU D 16 14.85 8.98 55.66
C GLU D 16 14.22 9.12 54.28
N SER D 17 12.98 9.62 54.26
CA SER D 17 12.33 9.92 52.99
C SER D 17 13.06 11.07 52.30
N LEU D 18 13.25 10.92 50.98
CA LEU D 18 14.01 11.88 50.21
C LEU D 18 13.33 12.06 48.86
N LYS D 19 13.52 13.25 48.26
CA LYS D 19 12.82 13.61 47.03
C LYS D 19 13.70 14.58 46.26
N ILE D 20 14.17 14.16 45.08
CA ILE D 20 14.97 15.01 44.20
C ILE D 20 14.11 15.43 43.02
N SER D 21 14.45 16.58 42.44
CA SER D 21 13.64 17.20 41.41
C SER D 21 14.47 17.51 40.17
N CYS D 22 13.79 17.59 39.04
CA CYS D 22 14.39 17.95 37.76
C CYS D 22 13.40 18.85 37.04
N LYS D 23 13.76 20.12 36.84
CA LYS D 23 12.87 21.12 36.27
C LYS D 23 13.30 21.43 34.85
N GLY D 24 12.36 21.39 33.91
CA GLY D 24 12.65 21.62 32.51
C GLY D 24 12.25 23.02 32.08
N SER D 25 13.06 23.62 31.22
CA SER D 25 12.78 24.94 30.67
C SER D 25 13.16 24.97 29.21
N GLY D 26 12.45 25.80 28.44
CA GLY D 26 12.70 25.96 27.03
C GLY D 26 11.81 25.17 26.11
N TYR D 27 10.87 24.41 26.65
CA TYR D 27 9.95 23.61 25.84
C TYR D 27 8.73 23.30 26.68
N ASN D 28 7.67 22.84 26.02
CA ASN D 28 6.48 22.40 26.73
C ASN D 28 6.81 21.12 27.49
N PHE D 29 6.95 21.24 28.81
CA PHE D 29 7.47 20.15 29.62
C PHE D 29 6.60 18.90 29.57
N SER D 30 5.33 19.02 29.22
CA SER D 30 4.42 17.89 29.25
C SER D 30 4.43 17.07 27.97
N ASN D 31 5.23 17.45 26.98
CA ASN D 31 5.25 16.76 25.70
C ASN D 31 6.39 15.75 25.57
N ASN D 32 7.18 15.54 26.61
CA ASN D 32 8.33 14.66 26.54
C ASN D 32 8.43 13.82 27.80
N TRP D 33 8.81 12.55 27.63
CA TRP D 33 9.13 11.72 28.77
C TRP D 33 10.38 12.23 29.47
N ILE D 34 10.44 12.03 30.78
CA ILE D 34 11.62 12.34 31.58
C ILE D 34 12.13 11.03 32.16
N GLY D 35 13.34 10.65 31.77
CA GLY D 35 13.93 9.42 32.22
C GLY D 35 14.98 9.66 33.29
N TRP D 36 15.11 8.70 34.20
CA TRP D 36 16.05 8.78 35.31
C TRP D 36 17.06 7.65 35.20
N VAL D 37 18.34 7.99 35.34
CA VAL D 37 19.40 6.99 35.35
C VAL D 37 20.25 7.19 36.61
N ARG D 38 20.89 6.11 37.03
CA ARG D 38 21.69 6.08 38.25
C ARG D 38 23.12 5.70 37.94
N GLN D 39 24.05 6.29 38.69
CA GLN D 39 25.46 5.95 38.57
C GLN D 39 26.05 5.85 39.97
N MET D 40 26.38 4.62 40.39
CA MET D 40 27.11 4.42 41.63
C MET D 40 28.50 5.02 41.49
N PRO D 41 29.13 5.39 42.61
CA PRO D 41 30.50 5.91 42.55
C PRO D 41 31.45 4.88 41.95
N GLY D 42 32.03 5.25 40.80
CA GLY D 42 32.96 4.36 40.12
C GLY D 42 32.33 3.17 39.44
N LYS D 43 31.05 3.23 39.10
CA LYS D 43 30.34 2.14 38.47
C LYS D 43 29.62 2.66 37.22
N GLY D 44 28.91 1.76 36.55
CA GLY D 44 28.26 2.08 35.30
C GLY D 44 26.95 2.83 35.49
N LEU D 45 26.26 3.02 34.36
CA LEU D 45 25.01 3.77 34.31
C LEU D 45 23.85 2.79 34.22
N GLU D 46 22.89 2.92 35.14
CA GLU D 46 21.71 2.06 35.18
C GLU D 46 20.46 2.92 35.10
N TYR D 47 19.53 2.51 34.23
CA TYR D 47 18.35 3.29 33.90
C TYR D 47 17.16 2.79 34.70
N MET D 48 16.47 3.72 35.38
CA MET D 48 15.32 3.37 36.19
C MET D 48 14.02 3.33 35.39
N GLY D 49 13.66 4.45 34.79
CA GLY D 49 12.38 4.52 34.12
C GLY D 49 12.16 5.89 33.52
N ILE D 50 10.97 6.04 32.95
CA ILE D 50 10.55 7.27 32.29
C ILE D 50 9.16 7.63 32.79
N ILE D 51 8.96 8.91 33.09
CA ILE D 51 7.67 9.43 33.48
C ILE D 51 7.23 10.47 32.47
N TYR D 52 6.01 10.31 31.96
CA TYR D 52 5.40 11.31 31.10
C TYR D 52 4.66 12.29 32.00
N PRO D 53 5.07 13.56 32.07
CA PRO D 53 4.38 14.52 32.94
C PRO D 53 3.06 15.03 32.37
N GLY D 54 2.73 14.70 31.13
CA GLY D 54 1.44 15.10 30.60
C GLY D 54 0.29 14.49 31.37
N ASP D 55 0.43 13.21 31.73
CA ASP D 55 -0.55 12.54 32.59
C ASP D 55 0.14 11.76 33.71
N SER D 56 1.40 12.07 33.99
CA SER D 56 2.17 11.41 35.05
C SER D 56 2.20 9.90 34.86
N ASP D 57 2.28 9.45 33.61
CA ASP D 57 2.42 8.04 33.33
C ASP D 57 3.84 7.60 33.63
N THR D 58 4.01 6.32 33.94
CA THR D 58 5.32 5.79 34.30
C THR D 58 5.60 4.48 33.57
N ARG D 59 6.88 4.26 33.29
CA ARG D 59 7.38 2.99 32.79
C ARG D 59 8.71 2.73 33.47
N TYR D 60 8.77 1.71 34.32
CA TYR D 60 9.94 1.45 35.15
C TYR D 60 10.80 0.34 34.56
N ASN D 61 12.07 0.35 34.93
CA ASN D 61 12.89 -0.84 34.74
C ASN D 61 12.42 -1.93 35.70
N PRO D 62 12.44 -3.20 35.29
CA PRO D 62 12.07 -4.26 36.22
C PRO D 62 12.92 -4.28 37.47
N SER D 63 14.19 -3.87 37.38
CA SER D 63 15.03 -3.79 38.56
C SER D 63 14.53 -2.73 39.53
N PHE D 64 14.09 -1.58 39.02
CA PHE D 64 13.58 -0.49 39.85
C PHE D 64 12.06 -0.47 39.71
N LYS D 65 11.39 -1.27 40.52
CA LYS D 65 9.92 -1.34 40.48
C LYS D 65 9.27 -0.81 41.74
N GLY D 66 9.86 -1.04 42.89
CA GLY D 66 9.31 -0.52 44.13
C GLY D 66 10.32 0.30 44.90
N GLN D 67 11.57 0.31 44.43
CA GLN D 67 12.61 1.05 45.13
C GLN D 67 12.35 2.55 45.07
N VAL D 68 11.94 3.07 43.91
CA VAL D 68 11.77 4.49 43.71
C VAL D 68 10.39 4.76 43.13
N THR D 69 9.93 6.00 43.29
CA THR D 69 8.67 6.45 42.72
C THR D 69 8.91 7.73 41.94
N MET D 70 8.38 7.78 40.72
CA MET D 70 8.52 8.94 39.86
C MET D 70 7.21 9.70 39.83
N SER D 71 7.27 11.01 40.10
CA SER D 71 6.10 11.87 40.16
C SER D 71 6.31 13.04 39.22
N ALA D 72 5.21 13.74 38.92
CA ALA D 72 5.27 14.87 37.99
C ALA D 72 4.47 16.03 38.54
N ASP D 73 4.89 17.24 38.17
CA ASP D 73 4.19 18.48 38.48
C ASP D 73 4.19 19.30 37.20
N ARG D 74 3.09 19.19 36.45
CA ARG D 74 3.01 19.83 35.14
C ARG D 74 2.96 21.36 35.25
N SER D 75 2.33 21.87 36.31
CA SER D 75 2.17 23.32 36.43
C SER D 75 3.50 24.04 36.53
N ILE D 76 4.42 23.51 37.33
CA ILE D 76 5.75 24.12 37.50
C ILE D 76 6.80 23.41 36.66
N SER D 77 6.39 22.44 35.83
CA SER D 77 7.29 21.77 34.89
C SER D 77 8.43 21.06 35.62
N THR D 78 8.06 20.11 36.47
CA THR D 78 9.05 19.40 37.27
C THR D 78 8.74 17.91 37.30
N ALA D 79 9.81 17.12 37.39
CA ALA D 79 9.71 15.68 37.62
C ALA D 79 10.43 15.36 38.93
N TYR D 80 9.95 14.34 39.63
CA TYR D 80 10.46 14.03 40.96
C TYR D 80 10.79 12.56 41.08
N LEU D 81 11.88 12.27 41.78
CA LEU D 81 12.27 10.92 42.17
C LEU D 81 12.25 10.86 43.68
N GLN D 82 11.44 9.98 44.25
CA GLN D 82 11.26 9.88 45.68
C GLN D 82 11.48 8.45 46.16
N TRP D 83 11.92 8.33 47.40
CA TRP D 83 12.33 7.04 47.97
C TRP D 83 11.45 6.57 49.11
N SER D 84 11.24 7.41 50.13
CA SER D 84 10.60 7.11 51.41
C SER D 84 11.43 6.17 52.26
N SER D 85 12.54 5.65 51.75
CA SER D 85 13.48 4.86 52.54
C SER D 85 14.84 4.96 51.85
N LEU D 86 15.71 5.81 52.38
CA LEU D 86 16.95 6.14 51.67
C LEU D 86 17.89 4.96 51.56
N LYS D 87 17.87 4.05 52.55
CA LYS D 87 18.78 2.91 52.59
C LYS D 87 20.22 3.46 52.61
N ALA D 88 21.19 2.68 52.17
CA ALA D 88 22.58 3.12 52.19
C ALA D 88 23.23 2.95 50.82
N SER D 89 22.73 2.00 50.03
CA SER D 89 23.25 1.80 48.69
C SER D 89 22.82 2.87 47.71
N ASP D 90 21.93 3.77 48.12
CA ASP D 90 21.39 4.79 47.24
C ASP D 90 22.31 5.99 47.07
N THR D 91 23.50 5.96 47.66
CA THR D 91 24.49 7.02 47.47
C THR D 91 25.01 6.93 46.04
N ALA D 92 24.52 7.81 45.16
CA ALA D 92 24.86 7.74 43.76
C ALA D 92 24.50 9.06 43.10
N ILE D 93 24.93 9.21 41.85
CA ILE D 93 24.58 10.35 41.02
C ILE D 93 23.36 9.98 40.19
N TYR D 94 22.34 10.84 40.21
CA TYR D 94 21.08 10.58 39.52
C TYR D 94 20.91 11.62 38.42
N TYR D 95 20.72 11.15 37.19
CA TYR D 95 20.56 12.01 36.03
C TYR D 95 19.12 11.97 35.55
N CYS D 96 18.57 13.13 35.24
CA CYS D 96 17.31 13.25 34.54
C CYS D 96 17.60 13.65 33.09
N ALA D 97 16.83 13.08 32.16
CA ALA D 97 17.02 13.36 30.75
C ALA D 97 15.65 13.44 30.07
N ARG D 98 15.60 14.23 29.01
CA ARG D 98 14.37 14.39 28.23
C ARG D 98 14.43 13.43 27.04
N LEU D 99 13.43 12.55 26.95
CA LEU D 99 13.39 11.55 25.89
C LEU D 99 12.77 12.16 24.65
N TYR D 100 13.52 12.18 23.56
CA TYR D 100 13.07 12.74 22.28
C TYR D 100 12.81 11.58 21.32
N ARG D 101 11.57 11.46 20.87
CA ARG D 101 11.14 10.33 20.06
C ARG D 101 10.79 10.80 18.66
N ARG D 102 11.21 10.01 17.67
CA ARG D 102 10.90 10.25 16.26
C ARG D 102 10.21 9.00 15.73
N GLY D 103 8.88 8.98 15.82
CA GLY D 103 8.16 7.82 15.36
C GLY D 103 8.37 6.64 16.29
N TRP D 104 8.20 5.44 15.73
CA TRP D 104 8.28 4.21 16.50
C TRP D 104 9.67 3.59 16.50
N THR D 105 10.66 4.28 15.95
CA THR D 105 11.99 3.71 15.80
C THR D 105 13.09 4.44 16.55
N THR D 106 12.86 5.68 16.98
CA THR D 106 13.91 6.49 17.59
C THR D 106 13.52 6.87 19.01
N ASP D 107 14.41 6.56 19.96
CA ASP D 107 14.33 7.06 21.33
C ASP D 107 15.68 7.65 21.70
N ALA D 108 15.73 8.94 21.94
CA ALA D 108 16.98 9.61 22.28
C ALA D 108 16.78 10.51 23.48
N PHE D 109 17.75 10.47 24.40
CA PHE D 109 17.79 11.40 25.53
C PHE D 109 18.72 12.53 25.15
N ASP D 110 18.18 13.48 24.39
CA ASP D 110 19.01 14.55 23.83
C ASP D 110 19.48 15.52 24.91
N ILE D 111 18.59 15.90 25.82
CA ILE D 111 18.90 16.85 26.87
C ILE D 111 19.08 16.08 28.17
N TRP D 112 20.15 16.38 28.90
CA TRP D 112 20.48 15.69 30.14
C TRP D 112 20.62 16.69 31.28
N GLY D 113 20.14 16.32 32.46
CA GLY D 113 20.40 17.11 33.64
C GLY D 113 21.82 16.95 34.13
N GLN D 114 22.20 17.83 35.05
CA GLN D 114 23.57 17.81 35.55
C GLN D 114 23.79 16.76 36.64
N GLY D 115 22.72 16.24 37.22
CA GLY D 115 22.85 15.16 38.19
C GLY D 115 22.78 15.59 39.64
N THR D 116 22.07 14.81 40.45
CA THR D 116 21.96 15.02 41.88
C THR D 116 22.70 13.89 42.59
N ARG D 117 23.66 14.24 43.44
CA ARG D 117 24.40 13.24 44.20
C ARG D 117 23.71 13.05 45.55
N VAL D 118 23.12 11.88 45.75
CA VAL D 118 22.41 11.56 46.98
C VAL D 118 23.29 10.63 47.81
N THR D 119 23.58 11.05 49.03
CA THR D 119 24.51 10.32 49.90
C THR D 119 23.81 9.96 51.21
N ALA D 120 23.83 8.68 51.56
CA ALA D 120 23.48 8.22 52.90
C ALA D 120 24.73 8.32 53.77
N SER D 121 25.04 9.56 54.17
CA SER D 121 26.36 9.88 54.70
C SER D 121 26.66 9.12 55.99
N SER D 122 25.69 9.08 56.91
CA SER D 122 25.93 8.57 58.26
C SER D 122 27.08 9.32 58.93
N ALA D 123 27.15 10.62 58.69
CA ALA D 123 28.20 11.47 59.22
C ALA D 123 27.71 12.91 59.19
N SER D 124 28.64 13.85 59.37
CA SER D 124 28.33 15.28 59.37
C SER D 124 29.20 15.99 58.34
N THR D 125 28.84 17.24 58.05
CA THR D 125 29.50 18.04 57.03
C THR D 125 30.02 19.34 57.62
N LYS D 126 31.25 19.72 57.26
CA LYS D 126 31.86 20.96 57.68
C LYS D 126 33.11 21.20 56.84
N GLY D 127 33.35 22.46 56.47
CA GLY D 127 34.53 22.78 55.70
C GLY D 127 35.26 24.03 56.13
N PRO D 128 36.50 23.86 56.60
CA PRO D 128 37.41 25.02 56.70
C PRO D 128 38.33 25.11 55.50
N SER D 129 38.74 26.32 55.13
CA SER D 129 39.63 26.49 53.97
C SER D 129 40.45 27.76 54.17
N VAL D 130 41.69 27.60 54.62
CA VAL D 130 42.62 28.71 54.75
C VAL D 130 44.05 28.20 54.86
N PHE D 131 44.98 28.87 54.19
CA PHE D 131 46.41 28.60 54.24
C PHE D 131 47.18 29.83 53.75
N PRO D 132 48.09 30.38 54.56
CA PRO D 132 48.85 31.56 54.13
C PRO D 132 49.67 31.30 52.88
N LEU D 133 50.58 30.33 52.95
CA LEU D 133 51.41 29.90 51.82
C LEU D 133 52.21 31.09 51.25
N ALA D 134 53.10 31.61 52.07
CA ALA D 134 53.95 32.71 51.65
C ALA D 134 54.89 32.24 50.53
N PRO D 135 55.27 33.15 49.62
CA PRO D 135 56.16 32.74 48.52
C PRO D 135 57.50 32.24 49.02
N SER D 136 58.02 31.23 48.35
CA SER D 136 59.30 30.61 48.71
C SER D 136 59.92 30.07 47.42
N SER D 137 60.93 29.20 47.58
CA SER D 137 61.61 28.59 46.45
C SER D 137 61.09 27.18 46.16
N LYS D 138 61.12 26.30 47.16
CA LYS D 138 60.68 24.93 46.98
C LYS D 138 59.22 24.77 47.40
N GLY D 142 60.94 22.10 43.15
CA GLY D 142 61.61 22.96 42.19
C GLY D 142 61.54 22.44 40.76
N GLY D 143 62.11 23.19 39.83
CA GLY D 143 62.12 22.80 38.44
C GLY D 143 60.76 22.91 37.78
N THR D 144 60.15 21.75 37.49
CA THR D 144 58.84 21.75 36.84
C THR D 144 57.77 22.34 37.76
N ALA D 145 57.85 22.07 39.06
CA ALA D 145 56.84 22.51 40.01
C ALA D 145 57.06 23.99 40.33
N ALA D 146 56.07 24.81 39.99
CA ALA D 146 56.08 26.24 40.30
C ALA D 146 55.57 26.44 41.73
N LEU D 147 55.26 27.68 42.10
CA LEU D 147 54.74 28.00 43.41
C LEU D 147 53.39 28.70 43.29
N GLY D 148 52.45 28.31 44.14
CA GLY D 148 51.13 28.89 44.14
C GLY D 148 50.43 28.82 45.48
N CYS D 149 49.10 28.92 45.48
CA CYS D 149 48.30 28.87 46.70
C CYS D 149 47.20 27.83 46.54
N LEU D 150 46.95 27.06 47.60
CA LEU D 150 46.01 25.95 47.53
C LEU D 150 45.36 25.79 48.90
N VAL D 151 44.03 25.82 48.95
CA VAL D 151 43.27 25.68 50.19
C VAL D 151 42.06 24.76 49.93
N LYS D 152 41.92 23.73 50.76
CA LYS D 152 40.72 22.90 50.74
C LYS D 152 40.73 21.94 51.93
N ASP D 153 39.59 21.83 52.61
CA ASP D 153 39.33 20.77 53.58
C ASP D 153 37.85 20.71 53.95
N TYR D 154 37.21 19.55 53.75
CA TYR D 154 35.79 19.34 54.01
C TYR D 154 35.42 17.89 53.70
N PHE D 155 34.32 17.43 54.30
CA PHE D 155 33.86 16.05 54.20
C PHE D 155 33.12 15.74 52.89
N PRO D 156 32.07 16.52 52.50
CA PRO D 156 31.32 16.18 51.28
C PRO D 156 32.15 16.48 50.04
N GLU D 157 31.56 16.51 48.85
CA GLU D 157 32.38 16.92 47.70
C GLU D 157 31.82 18.08 46.87
N PRO D 158 31.33 19.19 47.48
CA PRO D 158 31.00 20.39 46.68
C PRO D 158 32.15 21.39 46.55
N VAL D 159 33.08 21.12 45.63
CA VAL D 159 34.25 21.99 45.48
C VAL D 159 33.82 23.38 45.08
N THR D 160 33.25 23.52 43.87
CA THR D 160 32.65 24.76 43.38
C THR D 160 33.56 25.97 43.62
N VAL D 161 34.85 25.80 43.37
CA VAL D 161 35.82 26.90 43.48
C VAL D 161 36.05 27.46 42.09
N SER D 162 35.81 28.76 41.92
CA SER D 162 35.77 29.39 40.60
C SER D 162 36.55 30.69 40.58
N TRP D 163 37.78 30.68 41.12
CA TRP D 163 38.64 31.84 40.96
C TRP D 163 39.20 31.86 39.54
N ASN D 164 39.32 33.06 38.97
CA ASN D 164 39.78 33.24 37.59
C ASN D 164 41.22 33.75 37.63
N SER D 165 42.15 32.88 37.27
CA SER D 165 43.57 33.23 37.22
C SER D 165 44.23 32.34 36.17
N GLY D 166 45.56 32.29 36.21
CA GLY D 166 46.31 31.43 35.31
C GLY D 166 47.51 32.11 34.69
N ALA D 167 47.40 33.42 34.45
CA ALA D 167 48.50 34.18 33.87
C ALA D 167 49.58 34.50 34.89
N LEU D 168 49.27 34.49 36.18
CA LEU D 168 50.24 34.80 37.22
C LEU D 168 50.52 33.61 38.12
N THR D 169 49.48 33.00 38.70
CA THR D 169 49.63 31.82 39.56
C THR D 169 48.25 31.30 39.91
N SER D 170 48.17 29.99 40.14
CA SER D 170 47.00 29.33 40.70
C SER D 170 45.75 29.64 39.89
N GLY D 171 45.74 29.19 38.65
CA GLY D 171 44.60 29.43 37.78
C GLY D 171 44.18 28.23 36.95
N VAL D 172 44.94 27.13 37.05
CA VAL D 172 44.65 25.92 36.30
C VAL D 172 43.48 25.20 36.94
N HIS D 173 42.98 24.16 36.26
CA HIS D 173 41.88 23.36 36.78
C HIS D 173 42.24 22.79 38.15
N THR D 174 41.22 22.65 38.99
CA THR D 174 41.44 22.21 40.36
C THR D 174 41.73 20.71 40.42
N PHE D 175 42.42 20.31 41.48
CA PHE D 175 42.65 18.91 41.75
C PHE D 175 41.38 18.25 42.26
N PRO D 176 41.25 16.92 42.15
CA PRO D 176 40.03 16.28 42.64
C PRO D 176 40.11 15.85 44.10
N ALA D 177 39.04 15.22 44.59
CA ALA D 177 38.90 14.89 45.99
C ALA D 177 39.29 13.44 46.25
N VAL D 178 40.05 13.24 47.33
CA VAL D 178 40.50 11.91 47.75
C VAL D 178 39.96 11.66 49.14
N LEU D 179 39.46 10.45 49.38
CA LEU D 179 38.85 10.14 50.67
C LEU D 179 39.90 10.01 51.75
N GLN D 180 40.19 11.12 52.44
CA GLN D 180 41.14 11.12 53.56
C GLN D 180 40.33 10.86 54.83
N SER D 181 40.13 9.58 55.13
CA SER D 181 39.24 9.16 56.21
C SER D 181 37.87 9.79 56.02
N SER D 182 37.63 10.92 56.70
CA SER D 182 36.40 11.68 56.53
C SER D 182 36.60 13.01 55.81
N GLY D 183 37.80 13.28 55.31
CA GLY D 183 38.07 14.53 54.63
C GLY D 183 38.67 14.36 53.24
N LEU D 184 39.25 15.41 52.70
CA LEU D 184 39.87 15.36 51.38
C LEU D 184 40.93 16.44 51.27
N TYR D 185 41.75 16.33 50.22
CA TYR D 185 42.99 17.08 50.11
C TYR D 185 42.74 18.44 49.47
N SER D 186 43.85 19.13 49.17
CA SER D 186 43.82 20.51 48.72
C SER D 186 43.60 20.58 47.21
N LEU D 187 43.82 21.77 46.63
CA LEU D 187 43.54 22.05 45.23
C LEU D 187 44.84 22.21 44.44
N SER D 188 44.72 22.61 43.18
CA SER D 188 45.85 22.78 42.28
C SER D 188 46.28 24.24 42.21
N SER D 189 47.58 24.44 41.99
CA SER D 189 48.16 25.78 41.95
C SER D 189 49.19 25.92 40.85
N VAL D 190 49.04 25.17 39.75
CA VAL D 190 50.04 25.18 38.69
C VAL D 190 50.10 26.56 38.05
N VAL D 191 51.31 26.97 37.68
CA VAL D 191 51.57 28.28 37.10
C VAL D 191 52.04 28.09 35.66
N THR D 192 51.52 28.93 34.76
CA THR D 192 51.89 28.82 33.34
C THR D 192 53.38 29.08 33.14
N VAL D 193 53.93 30.08 33.80
CA VAL D 193 55.34 30.44 33.64
C VAL D 193 56.00 30.52 35.02
N PRO D 194 57.12 29.85 35.24
CA PRO D 194 57.76 29.87 36.56
C PRO D 194 58.34 31.22 36.96
N SER D 195 58.44 32.18 36.03
CA SER D 195 58.99 33.49 36.36
C SER D 195 58.11 34.25 37.35
N SER D 196 56.83 33.90 37.44
CA SER D 196 55.89 34.53 38.37
C SER D 196 55.69 33.68 39.62
N SER D 197 56.76 33.02 40.08
CA SER D 197 56.65 32.13 41.23
C SER D 197 56.31 32.87 42.53
N LEU D 198 56.53 34.19 42.58
CA LEU D 198 56.21 34.94 43.79
C LEU D 198 54.71 34.90 44.08
N GLY D 199 53.88 35.14 43.07
CA GLY D 199 52.45 34.98 43.21
C GLY D 199 51.79 36.04 44.07
N THR D 200 50.48 35.90 44.20
CA THR D 200 49.67 36.79 45.03
C THR D 200 48.42 36.03 45.47
N GLN D 201 47.93 36.38 46.65
CA GLN D 201 46.74 35.73 47.20
C GLN D 201 45.50 36.23 46.48
N THR D 202 44.67 35.29 46.02
CA THR D 202 43.46 35.60 45.30
C THR D 202 42.25 35.59 46.24
N TYR D 203 41.06 35.68 45.68
CA TYR D 203 39.83 35.71 46.46
C TYR D 203 39.24 34.34 46.72
N ILE D 204 39.87 33.28 46.22
CA ILE D 204 39.48 31.89 46.49
C ILE D 204 38.07 31.61 45.99
N CYS D 205 37.07 32.23 46.62
CA CYS D 205 35.65 32.02 46.29
C CYS D 205 35.25 30.57 46.47
N ASN D 206 35.36 30.10 47.71
CA ASN D 206 34.99 28.73 48.07
C ASN D 206 33.56 28.72 48.61
N VAL D 207 32.74 27.81 48.10
CA VAL D 207 31.37 27.62 48.56
C VAL D 207 31.17 26.13 48.80
N ASN D 208 30.73 25.78 50.00
CA ASN D 208 30.46 24.39 50.38
C ASN D 208 28.96 24.26 50.60
N HIS D 209 28.25 23.83 49.56
CA HIS D 209 26.80 23.69 49.66
C HIS D 209 26.41 22.56 50.60
N LYS D 210 27.24 21.52 50.67
CA LYS D 210 27.00 20.31 51.47
C LYS D 210 25.52 19.87 51.46
N ASP E 1 -18.06 9.58 20.32
CA ASP E 1 -17.63 8.28 20.84
C ASP E 1 -18.03 7.16 19.88
N SER E 2 -19.28 7.20 19.42
CA SER E 2 -19.77 6.29 18.40
C SER E 2 -19.79 6.91 17.01
N GLY E 3 -19.25 8.12 16.87
CA GLY E 3 -19.28 8.82 15.61
C GLY E 3 -18.19 8.36 14.66
N PRO E 4 -17.93 9.16 13.63
CA PRO E 4 -16.95 8.77 12.62
C PRO E 4 -15.54 8.73 13.18
N ILE E 5 -14.69 7.93 12.54
CA ILE E 5 -13.29 7.86 12.93
C ILE E 5 -12.58 9.16 12.58
N ILE E 6 -12.50 9.47 11.28
CA ILE E 6 -11.72 10.62 10.83
C ILE E 6 -12.56 11.52 9.92
N CYS E 7 -13.55 10.95 9.24
CA CYS E 7 -14.27 11.65 8.20
C CYS E 7 -15.77 11.56 8.41
N ALA E 8 -16.46 12.69 8.26
CA ALA E 8 -17.90 12.73 8.45
C ALA E 8 -18.60 11.97 7.32
N GLY E 9 -19.90 11.74 7.50
CA GLY E 9 -20.69 10.98 6.56
C GLY E 9 -20.66 11.57 5.16
N PRO E 10 -20.51 10.71 4.16
CA PRO E 10 -20.33 11.19 2.79
C PRO E 10 -21.60 11.84 2.25
N ILE E 11 -21.39 12.79 1.33
CA ILE E 11 -22.46 13.46 0.63
C ILE E 11 -22.15 13.30 -0.85
N HIS E 12 -22.68 12.26 -1.48
CA HIS E 12 -22.44 11.99 -2.88
C HIS E 12 -23.51 12.63 -3.74
N SER E 13 -23.13 12.95 -4.98
CA SER E 13 -24.07 13.54 -5.93
C SER E 13 -23.98 12.95 -7.33
N ASN E 14 -23.02 12.06 -7.57
CA ASN E 14 -22.69 11.58 -8.92
C ASN E 14 -22.45 10.07 -8.78
N LYS E 15 -23.51 9.28 -8.94
CA LYS E 15 -23.42 7.85 -8.70
C LYS E 15 -22.49 7.14 -9.67
N SER E 16 -22.15 7.78 -10.78
CA SER E 16 -21.24 7.21 -11.75
C SER E 16 -19.78 7.49 -11.41
N ALA E 17 -19.51 8.22 -10.33
CA ALA E 17 -18.14 8.58 -10.01
C ALA E 17 -17.31 7.35 -9.66
N ASP E 18 -16.06 7.36 -10.10
CA ASP E 18 -15.16 6.25 -9.85
C ASP E 18 -14.69 6.25 -8.40
N ILE E 19 -14.30 5.07 -7.93
CA ILE E 19 -13.74 4.90 -6.59
C ILE E 19 -12.23 4.77 -6.73
N PRO E 20 -11.45 5.77 -6.31
CA PRO E 20 -10.00 5.69 -6.46
C PRO E 20 -9.38 4.78 -5.40
N HIS E 21 -8.22 4.22 -5.76
CA HIS E 21 -7.44 3.44 -4.82
C HIS E 21 -6.45 4.36 -4.11
N LEU E 22 -6.55 4.43 -2.79
CA LEU E 22 -5.74 5.32 -1.99
C LEU E 22 -4.72 4.51 -1.20
N LEU E 23 -3.43 4.86 -1.36
CA LEU E 23 -2.37 4.09 -0.73
C LEU E 23 -2.24 4.38 0.75
N GLY E 24 -2.56 5.59 1.19
CA GLY E 24 -2.38 5.95 2.58
C GLY E 24 -3.31 5.18 3.50
N TYR E 25 -2.80 4.90 4.71
CA TYR E 25 -3.61 4.21 5.70
C TYR E 25 -4.76 5.09 6.18
N SER E 26 -4.49 6.37 6.42
CA SER E 26 -5.54 7.28 6.86
C SER E 26 -6.57 7.49 5.76
N GLU E 27 -6.13 7.51 4.50
CA GLU E 27 -7.07 7.61 3.39
C GLU E 27 -7.98 6.39 3.32
N LYS E 28 -7.42 5.20 3.54
CA LYS E 28 -8.24 4.00 3.58
C LYS E 28 -9.21 4.04 4.74
N ILE E 29 -8.78 4.55 5.90
CA ILE E 29 -9.68 4.66 7.04
C ILE E 29 -10.81 5.62 6.74
N CYS E 30 -10.50 6.74 6.07
CA CYS E 30 -11.53 7.69 5.67
C CYS E 30 -12.51 7.06 4.70
N GLN E 31 -12.02 6.26 3.76
CA GLN E 31 -12.91 5.54 2.85
C GLN E 31 -13.80 4.57 3.62
N ILE E 32 -13.23 3.91 4.63
CA ILE E 32 -14.01 3.00 5.47
C ILE E 32 -15.11 3.75 6.20
N ASP E 33 -14.81 4.97 6.66
CA ASP E 33 -15.80 5.78 7.36
C ASP E 33 -17.01 6.08 6.48
N ARG E 34 -16.77 6.34 5.20
CA ARG E 34 -17.82 6.73 4.27
C ARG E 34 -18.46 5.54 3.58
N LEU E 35 -18.13 4.32 3.99
CA LEU E 35 -18.65 3.09 3.38
C LEU E 35 -18.25 2.99 1.91
N ILE E 36 -17.11 3.58 1.55
CA ILE E 36 -16.61 3.44 0.19
C ILE E 36 -16.24 2.00 -0.10
N HIS E 37 -15.75 1.28 0.91
CA HIS E 37 -15.36 -0.12 0.71
C HIS E 37 -16.57 -1.00 0.39
N VAL E 38 -17.71 -0.77 1.06
CA VAL E 38 -18.90 -1.56 0.78
C VAL E 38 -19.44 -1.23 -0.60
N SER E 39 -19.38 0.04 -1.00
CA SER E 39 -19.79 0.43 -2.34
C SER E 39 -18.91 -0.22 -3.40
N SER E 40 -17.60 -0.27 -3.15
CA SER E 40 -16.69 -0.94 -4.08
C SER E 40 -16.99 -2.43 -4.16
N TRP E 41 -17.28 -3.06 -3.03
CA TRP E 41 -17.66 -4.47 -3.03
C TRP E 41 -18.90 -4.70 -3.87
N LEU E 42 -19.92 -3.86 -3.67
CA LEU E 42 -21.16 -4.00 -4.43
C LEU E 42 -20.92 -3.79 -5.92
N ARG E 43 -20.08 -2.82 -6.27
CA ARG E 43 -19.74 -2.59 -7.67
C ARG E 43 -19.03 -3.80 -8.27
N ASN E 44 -18.10 -4.40 -7.51
CA ASN E 44 -17.31 -5.51 -8.04
C ASN E 44 -18.14 -6.77 -8.19
N HIS E 45 -19.07 -7.01 -7.27
CA HIS E 45 -19.69 -8.34 -7.17
C HIS E 45 -21.15 -8.40 -7.57
N SER E 46 -21.89 -7.31 -7.50
CA SER E 46 -23.36 -7.38 -7.60
C SER E 46 -23.93 -6.67 -8.81
N GLN E 47 -23.10 -6.21 -9.74
CA GLN E 47 -23.55 -5.40 -10.88
C GLN E 47 -24.33 -4.18 -10.37
N PHE E 48 -23.73 -3.50 -9.40
CA PHE E 48 -24.33 -2.34 -8.76
C PHE E 48 -23.47 -1.12 -9.07
N GLN E 49 -24.13 0.01 -9.34
CA GLN E 49 -23.45 1.26 -9.57
C GLN E 49 -24.01 2.30 -8.61
N GLY E 50 -23.11 3.03 -7.95
CA GLY E 50 -23.53 4.03 -7.00
C GLY E 50 -22.79 3.93 -5.68
N TYR E 51 -23.42 4.37 -4.61
CA TYR E 51 -22.80 4.39 -3.29
C TYR E 51 -23.81 3.95 -2.25
N VAL E 52 -23.30 3.38 -1.16
CA VAL E 52 -24.08 3.15 0.05
C VAL E 52 -23.49 4.01 1.15
N GLY E 53 -24.31 4.30 2.15
CA GLY E 53 -23.87 5.13 3.25
C GLY E 53 -24.07 6.61 3.04
N GLN E 54 -25.03 7.00 2.20
CA GLN E 54 -25.27 8.41 1.93
C GLN E 54 -25.74 9.12 3.19
N ARG E 55 -24.99 10.15 3.59
CA ARG E 55 -25.32 11.05 4.69
C ARG E 55 -25.21 10.39 6.06
N GLY E 56 -25.00 9.08 6.10
CA GLY E 56 -24.88 8.41 7.37
C GLY E 56 -23.51 7.88 7.69
N GLY E 57 -22.84 7.33 6.68
CA GLY E 57 -21.53 6.74 6.88
C GLY E 57 -21.57 5.44 7.66
N ARG E 58 -20.37 4.91 7.91
CA ARG E 58 -20.22 3.62 8.58
C ARG E 58 -20.86 3.63 9.96
N SER E 59 -20.95 4.80 10.59
CA SER E 59 -21.53 4.88 11.93
C SER E 59 -23.03 4.58 11.93
N GLN E 60 -23.70 4.64 10.78
CA GLN E 60 -25.13 4.39 10.73
C GLN E 60 -25.47 3.02 10.13
N VAL E 61 -24.48 2.14 10.02
CA VAL E 61 -24.69 0.82 9.45
C VAL E 61 -25.59 0.00 10.38
N SER E 62 -26.53 -0.75 9.81
CA SER E 62 -27.37 -1.62 10.60
C SER E 62 -26.57 -2.84 11.07
N TYR E 63 -26.89 -3.31 12.27
CA TYR E 63 -26.22 -4.45 12.86
C TYR E 63 -27.25 -5.49 13.29
N TYR E 64 -26.85 -6.76 13.25
CA TYR E 64 -27.61 -7.82 13.89
C TYR E 64 -26.75 -8.54 14.91
N PRO E 65 -27.16 -8.64 16.18
CA PRO E 65 -28.39 -8.09 16.75
C PRO E 65 -28.29 -6.57 16.88
N ALA E 66 -29.42 -5.88 17.09
CA ALA E 66 -29.42 -4.42 17.08
C ALA E 66 -28.46 -3.86 18.11
N GLU E 67 -28.46 -4.42 19.31
CA GLU E 67 -27.50 -4.03 20.34
C GLU E 67 -26.13 -4.59 19.98
N ASN E 68 -25.16 -3.70 19.75
CA ASN E 68 -23.82 -4.09 19.33
C ASN E 68 -22.81 -3.44 20.25
N SER E 69 -21.99 -4.27 20.91
CA SER E 69 -20.99 -3.73 21.82
C SER E 69 -19.86 -3.05 21.07
N TYR E 70 -19.36 -3.68 20.01
CA TYR E 70 -18.19 -3.17 19.32
C TYR E 70 -18.52 -2.06 18.33
N SER E 71 -19.79 -1.88 17.98
CA SER E 71 -20.16 -0.76 17.12
C SER E 71 -20.02 0.56 17.86
N ARG E 72 -20.13 0.55 19.18
CA ARG E 72 -19.87 1.74 19.98
C ARG E 72 -18.43 2.20 19.78
N TRP E 73 -17.48 1.28 19.78
CA TRP E 73 -16.08 1.62 19.53
C TRP E 73 -15.89 1.78 18.04
N SER E 74 -15.78 3.03 17.58
CA SER E 74 -15.63 3.29 16.15
C SER E 74 -14.31 2.78 15.60
N GLY E 75 -13.33 2.52 16.46
CA GLY E 75 -12.04 2.05 16.00
C GLY E 75 -11.93 0.57 15.76
N LEU E 76 -12.90 -0.21 16.23
CA LEU E 76 -12.87 -1.65 16.03
C LEU E 76 -13.33 -1.97 14.61
N LEU E 77 -12.49 -2.66 13.86
CA LEU E 77 -12.78 -2.96 12.47
C LEU E 77 -13.77 -4.12 12.35
N SER E 78 -14.61 -4.04 11.34
CA SER E 78 -15.51 -5.11 10.97
C SER E 78 -14.87 -5.94 9.87
N PRO E 79 -15.47 -7.08 9.49
CA PRO E 79 -14.90 -7.86 8.38
C PRO E 79 -14.76 -7.07 7.09
N CYS E 80 -15.71 -6.19 6.78
CA CYS E 80 -15.59 -5.37 5.57
C CYS E 80 -14.44 -4.38 5.70
N ASP E 81 -14.28 -3.75 6.87
CA ASP E 81 -13.18 -2.81 7.07
C ASP E 81 -11.84 -3.52 6.98
N ALA E 82 -11.74 -4.72 7.54
CA ALA E 82 -10.50 -5.48 7.41
C ALA E 82 -10.26 -5.93 5.97
N ASP E 83 -11.34 -6.21 5.23
CA ASP E 83 -11.20 -6.53 3.82
C ASP E 83 -10.61 -5.36 3.03
N TRP E 84 -11.10 -4.14 3.31
CA TRP E 84 -10.58 -2.98 2.62
C TRP E 84 -9.09 -2.76 2.89
N LEU E 85 -8.61 -3.21 4.03
CA LEU E 85 -7.22 -3.05 4.41
C LEU E 85 -6.34 -4.23 4.01
N GLY E 86 -6.90 -5.20 3.27
CA GLY E 86 -6.15 -6.37 2.88
C GLY E 86 -5.99 -7.40 3.96
N MET E 87 -6.67 -7.24 5.08
CA MET E 87 -6.50 -8.15 6.21
C MET E 87 -7.19 -9.48 5.97
N LEU E 88 -8.33 -9.46 5.30
CA LEU E 88 -9.05 -10.67 4.95
C LEU E 88 -9.79 -10.43 3.64
N VAL E 89 -10.64 -11.38 3.26
CA VAL E 89 -11.45 -11.27 2.05
C VAL E 89 -12.89 -11.62 2.40
N VAL E 90 -13.81 -10.72 2.10
CA VAL E 90 -15.24 -10.98 2.21
C VAL E 90 -15.68 -11.54 0.86
N LYS E 91 -15.85 -12.86 0.80
CA LYS E 91 -16.16 -13.52 -0.46
C LYS E 91 -17.63 -13.32 -0.82
N LYS E 92 -17.88 -13.19 -2.12
CA LYS E 92 -19.26 -13.13 -2.59
C LYS E 92 -19.96 -14.46 -2.33
N ALA E 93 -21.20 -14.37 -1.87
CA ALA E 93 -21.95 -15.57 -1.52
C ALA E 93 -22.26 -16.41 -2.76
N LYS E 94 -22.28 -17.72 -2.56
CA LYS E 94 -22.79 -18.67 -3.54
C LYS E 94 -24.09 -19.26 -3.02
N GLY E 95 -24.72 -20.10 -3.85
CA GLY E 95 -25.99 -20.68 -3.46
C GLY E 95 -25.89 -21.61 -2.27
N SER E 96 -24.70 -22.18 -2.04
CA SER E 96 -24.52 -23.09 -0.91
C SER E 96 -24.42 -22.35 0.41
N ASP E 97 -24.01 -21.08 0.39
CA ASP E 97 -23.88 -20.31 1.63
C ASP E 97 -25.26 -20.06 2.22
N MET E 98 -25.35 -20.24 3.54
CA MET E 98 -26.63 -20.17 4.24
C MET E 98 -26.86 -18.77 4.78
N ILE E 99 -28.11 -18.31 4.68
CA ILE E 99 -28.52 -17.02 5.20
C ILE E 99 -29.15 -17.26 6.57
N VAL E 100 -28.57 -16.64 7.60
CA VAL E 100 -29.01 -16.91 8.96
C VAL E 100 -30.35 -16.22 9.21
N PRO E 101 -31.34 -16.90 9.77
CA PRO E 101 -32.59 -16.23 10.14
C PRO E 101 -32.39 -15.32 11.35
N GLY E 102 -33.21 -14.28 11.42
CA GLY E 102 -33.20 -13.38 12.55
C GLY E 102 -32.98 -11.92 12.19
N PRO E 103 -32.04 -11.63 11.30
CA PRO E 103 -31.92 -10.25 10.81
C PRO E 103 -33.12 -9.85 9.96
N SER E 104 -33.38 -8.55 9.94
CA SER E 104 -34.41 -7.99 9.08
C SER E 104 -33.76 -7.61 7.76
N TYR E 105 -33.85 -8.49 6.77
CA TYR E 105 -33.20 -8.28 5.48
C TYR E 105 -34.01 -7.41 4.54
N LYS E 106 -35.25 -7.07 4.90
CA LYS E 106 -36.11 -6.32 3.99
C LYS E 106 -35.50 -4.97 3.66
N GLY E 107 -35.25 -4.74 2.37
CA GLY E 107 -34.70 -3.48 1.92
C GLY E 107 -33.20 -3.37 1.96
N LYS E 108 -32.51 -4.37 2.52
CA LYS E 108 -31.06 -4.32 2.58
C LYS E 108 -30.46 -4.50 1.19
N VAL E 109 -29.41 -3.75 0.91
CA VAL E 109 -28.69 -3.87 -0.35
C VAL E 109 -27.45 -4.75 -0.21
N PHE E 110 -26.71 -4.59 0.89
CA PHE E 110 -25.57 -5.42 1.20
C PHE E 110 -25.69 -5.95 2.62
N PHE E 111 -25.36 -7.22 2.81
CA PHE E 111 -25.23 -7.73 4.17
C PHE E 111 -24.20 -8.85 4.20
N GLU E 112 -23.31 -8.81 5.18
CA GLU E 112 -22.25 -9.80 5.33
C GLU E 112 -22.35 -10.47 6.68
N ARG E 113 -21.83 -11.69 6.76
CA ARG E 113 -21.75 -12.40 8.02
C ARG E 113 -20.50 -13.26 8.04
N PRO E 114 -19.94 -13.51 9.23
CA PRO E 114 -18.81 -14.43 9.34
C PRO E 114 -19.30 -15.88 9.38
N THR E 115 -18.82 -16.67 8.43
CA THR E 115 -19.08 -18.10 8.39
C THR E 115 -17.90 -18.86 8.99
N PHE E 116 -18.14 -20.15 9.24
CA PHE E 116 -17.21 -20.95 10.05
C PHE E 116 -15.79 -20.92 9.51
N ASP E 117 -15.61 -20.74 8.19
CA ASP E 117 -14.29 -20.74 7.59
C ASP E 117 -13.97 -19.45 6.86
N GLY E 118 -14.72 -18.37 7.12
CA GLY E 118 -14.45 -17.14 6.40
C GLY E 118 -15.50 -16.09 6.64
N TYR E 119 -15.65 -15.20 5.67
CA TYR E 119 -16.61 -14.11 5.76
C TYR E 119 -17.31 -14.00 4.41
N VAL E 120 -18.64 -13.98 4.42
CA VAL E 120 -19.42 -14.08 3.19
C VAL E 120 -20.38 -12.91 3.13
N GLY E 121 -20.42 -12.24 1.98
CA GLY E 121 -21.29 -11.10 1.77
C GLY E 121 -22.28 -11.34 0.65
N TRP E 122 -23.49 -10.83 0.82
CA TRP E 122 -24.52 -10.84 -0.20
C TRP E 122 -24.80 -9.41 -0.63
N GLY E 123 -24.91 -9.19 -1.95
CA GLY E 123 -25.21 -7.89 -2.48
C GLY E 123 -26.39 -7.95 -3.45
N CYS E 124 -26.88 -6.76 -3.79
CA CYS E 124 -27.96 -6.61 -4.75
C CYS E 124 -27.52 -5.68 -5.87
N GLY E 125 -28.17 -5.81 -7.02
CA GLY E 125 -27.87 -4.98 -8.16
C GLY E 125 -28.45 -3.59 -8.06
N SER E 126 -28.20 -2.79 -9.09
CA SER E 126 -28.72 -1.43 -9.13
C SER E 126 -30.25 -1.45 -9.15
N GLY E 127 -30.86 -0.62 -8.30
CA GLY E 127 -32.30 -0.55 -8.24
C GLY E 127 -32.96 -1.76 -7.64
N LYS E 128 -32.27 -2.51 -6.80
CA LYS E 128 -32.80 -3.72 -6.19
C LYS E 128 -32.47 -3.72 -4.69
N SER E 129 -33.25 -4.50 -3.95
CA SER E 129 -33.04 -4.65 -2.52
C SER E 129 -33.53 -6.04 -2.10
N ARG E 130 -33.01 -6.51 -0.97
CA ARG E 130 -33.35 -7.85 -0.50
C ARG E 130 -34.81 -7.92 -0.06
N THR E 131 -35.36 -9.12 -0.14
CA THR E 131 -36.71 -9.37 0.33
C THR E 131 -36.69 -9.55 1.84
N GLU E 132 -37.84 -9.94 2.41
CA GLU E 132 -37.92 -10.10 3.86
C GLU E 132 -37.02 -11.22 4.35
N SER E 133 -36.98 -12.34 3.62
CA SER E 133 -36.15 -13.47 4.00
C SER E 133 -34.70 -13.30 3.58
N GLY E 134 -34.39 -12.34 2.72
CA GLY E 134 -33.04 -12.12 2.26
C GLY E 134 -32.57 -13.07 1.18
N GLU E 135 -33.43 -13.94 0.68
CA GLU E 135 -33.03 -14.91 -0.33
C GLU E 135 -32.89 -14.29 -1.71
N LEU E 136 -33.72 -13.29 -2.03
CA LEU E 136 -33.77 -12.73 -3.38
C LEU E 136 -33.66 -11.21 -3.33
N CYS E 137 -33.12 -10.65 -4.40
CA CYS E 137 -33.17 -9.22 -4.64
C CYS E 137 -34.32 -8.92 -5.59
N SER E 138 -35.17 -7.97 -5.21
CA SER E 138 -36.30 -7.55 -6.03
C SER E 138 -36.20 -6.05 -6.29
N SER E 139 -36.90 -5.61 -7.33
CA SER E 139 -36.84 -4.20 -7.74
C SER E 139 -37.35 -3.30 -6.62
N ASP E 140 -36.60 -2.24 -6.34
CA ASP E 140 -36.93 -1.28 -5.30
C ASP E 140 -36.81 0.12 -5.88
N SER E 141 -37.94 0.82 -5.97
CA SER E 141 -37.92 2.18 -6.50
C SER E 141 -37.17 3.16 -5.61
N GLY E 142 -37.06 2.86 -4.31
CA GLY E 142 -36.34 3.73 -3.41
C GLY E 142 -34.83 3.66 -3.52
N THR E 143 -34.31 2.69 -4.27
CA THR E 143 -32.88 2.55 -4.48
C THR E 143 -32.44 2.99 -5.87
N SER E 144 -33.35 3.59 -6.64
CA SER E 144 -33.05 3.94 -8.02
C SER E 144 -32.03 5.06 -8.16
N SER E 145 -31.86 5.89 -7.12
CA SER E 145 -30.95 7.02 -7.23
C SER E 145 -29.50 6.58 -7.22
N GLY E 146 -29.19 5.43 -6.60
CA GLY E 146 -27.85 4.93 -6.51
C GLY E 146 -27.04 5.48 -5.36
N LEU E 147 -27.57 6.43 -4.61
CA LEU E 147 -26.93 6.98 -3.42
C LEU E 147 -27.82 6.63 -2.24
N LEU E 148 -27.46 5.53 -1.54
CA LEU E 148 -28.36 4.93 -0.58
C LEU E 148 -27.90 5.19 0.86
N PRO E 149 -28.83 5.25 1.80
CA PRO E 149 -28.46 5.48 3.21
C PRO E 149 -27.73 4.27 3.79
N SER E 150 -27.17 4.49 4.98
CA SER E 150 -26.37 3.46 5.63
C SER E 150 -27.20 2.31 6.17
N ASN E 151 -28.51 2.51 6.36
CA ASN E 151 -29.34 1.43 6.88
C ASN E 151 -29.66 0.39 5.81
N ARG E 152 -29.22 0.61 4.58
CA ARG E 152 -29.26 -0.45 3.56
C ARG E 152 -28.14 -1.45 3.72
N VAL E 153 -27.20 -1.20 4.63
CA VAL E 153 -26.06 -2.08 4.88
C VAL E 153 -26.27 -2.76 6.23
N LEU E 154 -26.15 -4.08 6.24
CA LEU E 154 -26.34 -4.88 7.43
C LEU E 154 -25.09 -5.69 7.72
N TRP E 155 -24.58 -5.59 8.95
CA TRP E 155 -23.45 -6.38 9.40
C TRP E 155 -23.92 -7.29 10.52
N ILE E 156 -23.68 -8.59 10.38
CA ILE E 156 -24.20 -9.60 11.29
C ILE E 156 -23.11 -9.98 12.27
N GLY E 157 -23.40 -9.86 13.56
CA GLY E 157 -22.51 -10.31 14.60
C GLY E 157 -21.74 -9.16 15.24
N ASP E 158 -21.27 -9.42 16.45
CA ASP E 158 -20.41 -8.49 17.19
C ASP E 158 -18.97 -8.91 16.92
N VAL E 159 -18.33 -8.26 15.96
CA VAL E 159 -17.06 -8.72 15.41
C VAL E 159 -16.04 -7.59 15.46
N ALA E 160 -14.82 -7.92 15.86
CA ALA E 160 -13.69 -6.99 15.83
C ALA E 160 -12.50 -7.70 15.21
N CYS E 161 -11.92 -7.09 14.18
CA CYS E 161 -10.79 -7.67 13.47
C CYS E 161 -9.55 -6.83 13.69
N GLN E 162 -8.40 -7.48 13.76
CA GLN E 162 -7.16 -6.86 14.21
C GLN E 162 -5.99 -7.59 13.59
N PRO E 163 -4.81 -6.96 13.55
CA PRO E 163 -3.61 -7.71 13.16
C PRO E 163 -3.34 -8.84 14.15
N MET E 164 -2.85 -9.96 13.62
CA MET E 164 -2.70 -11.17 14.40
C MET E 164 -1.23 -11.57 14.51
N THR E 165 -0.96 -12.39 15.53
CA THR E 165 0.31 -13.09 15.63
C THR E 165 0.10 -14.53 15.20
N PRO E 166 0.69 -14.97 14.09
CA PRO E 166 0.41 -16.32 13.60
C PRO E 166 0.80 -17.39 14.61
N ILE E 167 0.01 -18.45 14.65
CA ILE E 167 0.26 -19.58 15.55
C ILE E 167 0.63 -20.80 14.72
N PRO E 168 1.42 -21.72 15.24
CA PRO E 168 1.75 -22.93 14.48
C PRO E 168 0.54 -23.82 14.29
N GLU E 169 0.62 -24.68 13.28
CA GLU E 169 -0.48 -25.58 12.96
C GLU E 169 -0.78 -26.52 14.12
N GLU E 170 0.23 -26.90 14.90
CA GLU E 170 0.00 -27.76 16.06
C GLU E 170 -0.84 -27.04 17.11
N THR E 171 -0.56 -25.76 17.34
CA THR E 171 -1.38 -24.98 18.27
C THR E 171 -2.82 -24.88 17.78
N PHE E 172 -3.01 -24.68 16.47
CA PHE E 172 -4.36 -24.64 15.92
C PHE E 172 -5.07 -25.97 16.10
N LEU E 173 -4.34 -27.08 15.92
CA LEU E 173 -4.95 -28.39 16.12
C LEU E 173 -5.33 -28.61 17.57
N GLU E 174 -4.51 -28.13 18.51
CA GLU E 174 -4.86 -28.23 19.92
C GLU E 174 -6.11 -27.41 20.23
N LEU E 175 -6.17 -26.18 19.70
CA LEU E 175 -7.36 -25.35 19.91
C LEU E 175 -8.60 -26.00 19.31
N LYS E 176 -8.47 -26.56 18.11
CA LYS E 176 -9.60 -27.20 17.45
C LYS E 176 -10.07 -28.43 18.22
N SER E 177 -9.13 -29.20 18.76
CA SER E 177 -9.51 -30.36 19.57
C SER E 177 -10.23 -29.93 20.84
N PHE E 178 -9.75 -28.86 21.48
CA PHE E 178 -10.44 -28.37 22.66
C PHE E 178 -11.84 -27.86 22.32
N SER E 179 -11.99 -27.17 21.18
CA SER E 179 -13.31 -26.72 20.75
C SER E 179 -14.23 -27.90 20.49
N GLN E 180 -13.71 -28.96 19.86
CA GLN E 180 -14.51 -30.15 19.63
C GLN E 180 -14.93 -30.80 20.95
N SER E 181 -14.05 -30.76 21.95
CA SER E 181 -14.42 -31.26 23.27
C SER E 181 -15.50 -30.41 23.91
N GLU E 182 -15.46 -29.09 23.67
CA GLU E 182 -16.45 -28.19 24.26
C GLU E 182 -17.80 -28.28 23.58
N PHE E 183 -17.85 -28.76 22.34
CA PHE E 183 -19.09 -28.85 21.57
C PHE E 183 -19.24 -30.26 21.01
N PRO E 184 -19.47 -31.25 21.87
CA PRO E 184 -19.63 -32.62 21.36
C PRO E 184 -20.83 -32.81 20.44
N ASP E 185 -21.90 -32.04 20.65
CA ASP E 185 -23.13 -32.25 19.87
C ASP E 185 -23.00 -31.73 18.45
N ILE E 186 -22.19 -30.70 18.24
CA ILE E 186 -22.09 -30.08 16.91
C ILE E 186 -21.43 -31.04 15.94
N CYS E 187 -21.98 -31.11 14.72
CA CYS E 187 -21.40 -31.91 13.65
C CYS E 187 -20.91 -31.07 12.49
N LYS E 188 -21.78 -30.20 11.94
CA LYS E 188 -21.41 -29.35 10.82
C LYS E 188 -21.74 -27.90 11.17
N ILE E 189 -20.79 -27.00 10.92
CA ILE E 189 -21.01 -25.56 11.05
C ILE E 189 -20.84 -24.95 9.67
N ASP E 190 -21.91 -24.36 9.15
CA ASP E 190 -21.91 -23.75 7.82
C ASP E 190 -21.48 -24.74 6.75
N GLY E 191 -21.96 -25.98 6.87
CA GLY E 191 -21.66 -27.00 5.89
C GLY E 191 -20.25 -27.55 5.95
N ILE E 192 -19.56 -27.34 7.07
CA ILE E 192 -18.18 -27.79 7.24
C ILE E 192 -18.13 -28.72 8.44
N VAL E 193 -17.51 -29.88 8.25
CA VAL E 193 -17.48 -30.90 9.30
C VAL E 193 -16.75 -30.36 10.52
N PHE E 194 -17.44 -30.32 11.65
CA PHE E 194 -16.86 -29.98 12.94
C PHE E 194 -16.50 -31.23 13.73
N ASN E 195 -17.45 -32.14 13.88
CA ASN E 195 -17.21 -33.46 14.44
C ASN E 195 -17.76 -34.51 13.49
N GLN E 196 -17.14 -35.68 13.50
CA GLN E 196 -17.62 -36.78 12.66
C GLN E 196 -18.92 -37.31 13.23
N CYS E 197 -19.97 -37.32 12.42
CA CYS E 197 -21.30 -37.72 12.88
C CYS E 197 -21.92 -38.67 11.87
N GLU E 198 -22.81 -39.53 12.37
CA GLU E 198 -23.56 -40.46 11.54
C GLU E 198 -25.04 -40.17 11.75
N GLY E 199 -25.58 -39.27 10.94
CA GLY E 199 -26.95 -38.84 11.10
C GLY E 199 -27.04 -37.51 11.82
N GLU E 200 -27.45 -36.46 11.11
CA GLU E 200 -27.49 -35.13 11.67
C GLU E 200 -28.79 -34.45 11.25
N SER E 201 -29.16 -33.42 12.02
CA SER E 201 -30.42 -32.71 11.81
C SER E 201 -30.28 -31.69 10.69
N LEU E 202 -31.25 -30.80 10.56
CA LEU E 202 -31.16 -29.69 9.65
C LEU E 202 -30.38 -28.54 10.29
N PRO E 203 -29.79 -27.66 9.48
CA PRO E 203 -29.07 -26.52 10.05
C PRO E 203 -29.99 -25.63 10.87
N GLN E 204 -29.47 -25.11 11.97
CA GLN E 204 -30.19 -24.25 12.88
C GLN E 204 -29.33 -23.03 13.20
N PRO E 205 -29.95 -21.90 13.54
CA PRO E 205 -29.18 -20.75 13.99
C PRO E 205 -28.39 -21.10 15.25
N PHE E 206 -27.20 -20.53 15.35
CA PHE E 206 -26.25 -20.92 16.39
C PHE E 206 -25.44 -19.68 16.76
N ASP E 207 -25.80 -19.07 17.88
CA ASP E 207 -25.08 -17.89 18.37
C ASP E 207 -23.91 -18.38 19.21
N VAL E 208 -22.70 -18.00 18.82
CA VAL E 208 -21.51 -18.54 19.45
C VAL E 208 -20.38 -17.51 19.37
N ALA E 209 -19.48 -17.59 20.34
CA ALA E 209 -18.26 -16.80 20.33
C ALA E 209 -17.18 -17.57 19.58
N TRP E 210 -16.40 -16.84 18.79
CA TRP E 210 -15.40 -17.47 17.93
C TRP E 210 -14.22 -16.53 17.78
N MET E 211 -13.10 -17.13 17.39
CA MET E 211 -11.91 -16.38 17.00
C MET E 211 -11.33 -16.98 15.74
N ASP E 212 -11.01 -16.12 14.79
CA ASP E 212 -10.34 -16.50 13.55
C ASP E 212 -8.85 -16.26 13.73
N VAL E 213 -8.07 -17.34 13.67
CA VAL E 213 -6.64 -17.32 13.96
C VAL E 213 -5.84 -17.64 12.71
N GLY E 214 -6.40 -17.31 11.54
CA GLY E 214 -5.68 -17.45 10.29
C GLY E 214 -5.37 -18.88 9.88
N HIS E 215 -6.35 -19.76 10.00
CA HIS E 215 -6.18 -21.16 9.62
C HIS E 215 -7.42 -21.60 8.86
N SER E 216 -7.57 -22.92 8.68
CA SER E 216 -8.61 -23.44 7.79
C SER E 216 -10.00 -22.98 8.19
N HIS E 217 -10.31 -22.99 9.49
CA HIS E 217 -11.61 -22.53 9.96
C HIS E 217 -11.41 -21.78 11.28
N LYS E 218 -12.52 -21.49 11.94
CA LYS E 218 -12.51 -20.69 13.16
C LYS E 218 -12.48 -21.58 14.39
N ILE E 219 -12.05 -21.00 15.50
CA ILE E 219 -12.07 -21.66 16.80
C ILE E 219 -13.28 -21.12 17.55
N ILE E 220 -14.30 -21.94 17.70
CA ILE E 220 -15.50 -21.56 18.42
C ILE E 220 -15.34 -21.99 19.89
N MET E 221 -15.72 -21.10 20.80
CA MET E 221 -15.42 -21.27 22.21
C MET E 221 -16.64 -20.94 23.06
N ARG E 222 -16.79 -21.68 24.15
CA ARG E 222 -17.86 -21.48 25.11
C ARG E 222 -17.38 -20.79 26.38
N GLU E 223 -16.28 -21.28 26.97
CA GLU E 223 -15.66 -20.67 28.13
C GLU E 223 -14.29 -20.14 27.72
N HIS E 224 -14.12 -18.83 27.75
CA HIS E 224 -12.86 -18.21 27.37
C HIS E 224 -12.72 -16.89 28.10
N LYS E 225 -11.50 -16.38 28.13
CA LYS E 225 -11.22 -15.06 28.68
C LYS E 225 -10.68 -14.16 27.58
N THR E 226 -11.00 -12.88 27.66
CA THR E 226 -10.47 -11.89 26.73
C THR E 226 -9.96 -10.70 27.51
N LYS E 227 -8.81 -10.18 27.10
CA LYS E 227 -8.31 -8.94 27.70
C LYS E 227 -7.83 -8.02 26.58
N TRP E 228 -8.10 -6.74 26.73
CA TRP E 228 -7.77 -5.74 25.72
C TRP E 228 -6.55 -4.95 26.19
N VAL E 229 -5.55 -4.86 25.33
CA VAL E 229 -4.30 -4.18 25.65
C VAL E 229 -4.04 -3.12 24.58
N GLN E 230 -3.73 -1.91 25.02
CA GLN E 230 -3.41 -0.80 24.11
C GLN E 230 -1.90 -0.82 23.88
N GLU E 231 -1.49 -1.26 22.70
CA GLU E 231 -0.07 -1.38 22.38
C GLU E 231 0.52 -0.12 21.76
N SER E 232 -0.31 0.87 21.43
CA SER E 232 0.15 2.13 20.86
C SER E 232 0.97 1.90 19.60
N SER E 233 0.51 1.00 18.75
CA SER E 233 1.17 0.75 17.48
C SER E 233 0.81 1.83 16.47
N SER E 234 1.50 1.82 15.33
CA SER E 234 1.29 2.86 14.33
C SER E 234 -0.11 2.77 13.73
N LYS E 235 -0.64 1.56 13.57
CA LYS E 235 -1.96 1.38 13.00
C LYS E 235 -3.07 1.92 13.90
N ASP E 236 -2.78 2.21 15.16
CA ASP E 236 -3.77 2.71 16.10
C ASP E 236 -3.98 4.20 16.02
N PHE E 237 -3.25 4.90 15.14
CA PHE E 237 -3.34 6.34 15.03
C PHE E 237 -3.67 6.72 13.59
N VAL E 238 -4.55 7.70 13.44
CA VAL E 238 -4.95 8.21 12.13
C VAL E 238 -4.63 9.69 12.07
N CYS E 239 -4.06 10.12 10.95
CA CYS E 239 -3.64 11.50 10.75
C CYS E 239 -4.61 12.20 9.80
N TYR E 240 -5.13 13.35 10.24
CA TYR E 240 -6.07 14.15 9.47
C TYR E 240 -5.55 15.59 9.39
N LYS E 241 -6.33 16.44 8.72
CA LYS E 241 -5.95 17.83 8.53
C LYS E 241 -6.99 18.83 9.02
N GLU E 242 -8.05 18.37 9.67
CA GLU E 242 -9.06 19.24 10.30
C GLU E 242 -9.69 20.18 9.26
N GLY E 243 -10.39 19.58 8.31
CA GLY E 243 -11.13 20.33 7.33
C GLY E 243 -10.80 19.93 5.90
N THR E 244 -9.52 19.66 5.64
CA THR E 244 -9.12 19.13 4.34
C THR E 244 -9.47 17.66 4.20
N GLY E 245 -9.28 16.89 5.27
CA GLY E 245 -9.55 15.47 5.24
C GLY E 245 -8.35 14.67 5.69
N PRO E 246 -8.31 13.39 5.31
CA PRO E 246 -7.17 12.56 5.67
C PRO E 246 -5.89 13.03 5.00
N CYS E 247 -4.78 12.78 5.67
CA CYS E 247 -3.48 13.15 5.13
C CYS E 247 -3.07 12.21 4.00
N SER E 248 -2.25 12.71 3.09
CA SER E 248 -1.71 11.88 2.03
C SER E 248 -0.76 10.84 2.61
N GLU E 249 -0.38 9.88 1.76
CA GLU E 249 0.51 8.82 2.20
C GLU E 249 1.85 9.37 2.64
N SER E 250 2.41 10.31 1.88
CA SER E 250 3.69 10.91 2.24
C SER E 250 3.57 11.74 3.52
N GLU E 251 2.50 12.52 3.66
CA GLU E 251 2.31 13.31 4.87
C GLU E 251 2.15 12.42 6.09
N GLU E 252 1.35 11.36 5.97
CA GLU E 252 1.19 10.44 7.08
C GLU E 252 2.50 9.75 7.42
N LYS E 253 3.28 9.38 6.41
CA LYS E 253 4.57 8.74 6.66
C LYS E 253 5.51 9.68 7.41
N THR E 254 5.58 10.94 6.97
CA THR E 254 6.43 11.90 7.67
C THR E 254 5.96 12.11 9.11
N CYS E 255 4.65 12.21 9.31
CA CYS E 255 4.13 12.40 10.65
C CYS E 255 4.45 11.22 11.56
N LYS E 256 4.32 10.00 11.03
CA LYS E 256 4.52 8.81 11.84
C LYS E 256 5.98 8.40 11.97
N THR E 257 6.89 8.97 11.18
CA THR E 257 8.29 8.60 11.27
C THR E 257 9.22 9.76 11.61
N SER E 258 8.70 10.97 11.79
CA SER E 258 9.56 12.12 12.07
C SER E 258 9.33 12.75 13.43
N GLY E 259 8.19 12.52 14.06
CA GLY E 259 7.92 13.14 15.35
C GLY E 259 7.85 14.64 15.29
N SER E 260 7.37 15.20 14.18
CA SER E 260 7.23 16.64 14.02
C SER E 260 5.80 17.11 13.90
N CYS E 261 4.90 16.26 13.41
CA CYS E 261 3.49 16.62 13.35
C CYS E 261 2.88 16.64 14.74
N ARG E 262 1.86 17.47 14.90
CA ARG E 262 1.17 17.53 16.18
C ARG E 262 0.25 16.32 16.34
N GLY E 263 -0.23 16.13 17.57
CA GLY E 263 -1.09 15.00 17.86
C GLY E 263 -1.59 15.05 19.27
N ASP E 264 -2.39 14.05 19.62
CA ASP E 264 -2.97 13.97 20.95
C ASP E 264 -1.92 13.46 21.94
N MET E 265 -2.33 13.20 23.17
CA MET E 265 -1.38 12.81 24.20
C MET E 265 -0.72 11.48 23.90
N GLN E 266 -1.51 10.49 23.43
CA GLN E 266 -0.95 9.17 23.18
C GLN E 266 0.04 9.19 22.02
N PHE E 267 -0.26 9.93 20.96
CA PHE E 267 0.66 10.01 19.83
C PHE E 267 1.96 10.71 20.24
N CYS E 268 1.86 11.76 21.05
CA CYS E 268 3.07 12.41 21.54
C CYS E 268 3.86 11.48 22.45
N LYS E 269 3.17 10.65 23.22
CA LYS E 269 3.84 9.69 24.10
C LYS E 269 4.61 8.65 23.29
N VAL E 270 4.01 8.14 22.22
CA VAL E 270 4.59 6.98 21.54
C VAL E 270 5.50 7.38 20.38
N ALA E 271 5.31 8.55 19.77
CA ALA E 271 6.06 8.92 18.59
C ALA E 271 6.60 10.34 18.61
N GLY E 272 6.22 11.17 19.58
CA GLY E 272 6.69 12.53 19.65
C GLY E 272 5.88 13.48 18.78
N CYS E 273 5.97 14.76 19.11
CA CYS E 273 5.23 15.79 18.39
C CYS E 273 5.96 17.11 18.54
N GLU E 274 5.63 18.05 17.66
CA GLU E 274 6.21 19.39 17.67
C GLU E 274 5.08 20.40 17.50
N HIS E 275 4.50 20.84 18.61
CA HIS E 275 3.47 21.87 18.58
C HIS E 275 4.12 23.25 18.54
N GLY E 276 3.46 24.18 17.84
CA GLY E 276 4.01 25.50 17.64
C GLY E 276 5.06 25.52 16.53
N GLU E 277 5.53 26.73 16.23
CA GLU E 277 6.49 26.97 15.16
C GLU E 277 5.98 26.37 13.85
N GLU E 278 4.86 26.94 13.38
CA GLU E 278 4.11 26.38 12.26
C GLU E 278 4.94 26.50 10.99
N ALA E 279 5.53 25.37 10.57
CA ALA E 279 6.29 25.35 9.32
C ALA E 279 5.38 25.37 8.10
N SER E 280 4.29 24.61 8.15
CA SER E 280 3.32 24.55 7.06
C SER E 280 2.14 25.47 7.36
N GLU E 281 1.19 25.52 6.43
CA GLU E 281 -0.02 26.30 6.65
C GLU E 281 -0.85 25.70 7.78
N ALA E 282 -1.02 24.38 7.77
CA ALA E 282 -1.74 23.69 8.84
C ALA E 282 -1.26 22.24 8.82
N LYS E 283 -0.47 21.87 9.82
CA LYS E 283 0.15 20.55 9.81
C LYS E 283 -0.90 19.46 10.01
N CYS E 284 -0.50 18.23 9.66
CA CYS E 284 -1.34 17.07 9.94
C CYS E 284 -1.31 16.76 11.43
N ARG E 285 -2.46 16.33 11.96
CA ARG E 285 -2.57 15.93 13.35
C ARG E 285 -2.98 14.47 13.40
N CYS E 286 -2.22 13.66 14.15
CA CYS E 286 -2.48 12.25 14.28
C CYS E 286 -3.05 11.97 15.65
N SER E 287 -4.18 11.27 15.70
CA SER E 287 -4.88 10.99 16.94
C SER E 287 -5.15 9.50 17.07
N LEU E 288 -5.29 9.06 18.31
CA LEU E 288 -5.54 7.66 18.59
C LEU E 288 -6.95 7.28 18.19
N VAL E 289 -7.07 6.14 17.49
CA VAL E 289 -8.39 5.65 17.08
C VAL E 289 -9.08 5.04 18.29
N HIS E 290 -10.35 5.39 18.49
CA HIS E 290 -11.07 5.01 19.70
C HIS E 290 -11.46 3.54 19.63
N LYS E 291 -10.64 2.69 20.23
CA LYS E 291 -10.91 1.27 20.36
C LYS E 291 -10.36 0.81 21.71
N PRO E 292 -10.91 -0.27 22.27
CA PRO E 292 -10.39 -0.75 23.55
C PRO E 292 -8.98 -1.32 23.46
N GLY E 293 -8.48 -1.59 22.26
CA GLY E 293 -7.14 -2.08 22.03
C GLY E 293 -7.18 -3.37 21.26
N GLU E 294 -6.07 -4.11 21.33
CA GLU E 294 -5.98 -5.43 20.74
C GLU E 294 -6.44 -6.48 21.75
N VAL E 295 -7.23 -7.43 21.28
CA VAL E 295 -7.79 -8.45 22.16
C VAL E 295 -6.88 -9.66 22.17
N VAL E 296 -6.58 -10.16 23.37
CA VAL E 296 -5.85 -11.40 23.57
C VAL E 296 -6.81 -12.37 24.24
N VAL E 297 -6.94 -13.57 23.67
CA VAL E 297 -7.92 -14.54 24.10
C VAL E 297 -7.19 -15.70 24.80
N SER E 298 -7.59 -15.96 26.03
CA SER E 298 -7.14 -17.13 26.78
C SER E 298 -8.19 -18.21 26.61
N TYR E 299 -7.86 -19.22 25.82
CA TYR E 299 -8.77 -20.33 25.55
C TYR E 299 -7.98 -21.63 25.54
N GLY E 300 -8.61 -22.69 26.04
CA GLY E 300 -8.00 -24.00 26.02
C GLY E 300 -6.66 -24.09 26.71
N GLY E 301 -6.40 -23.21 27.66
CA GLY E 301 -5.12 -23.19 28.34
C GLY E 301 -4.01 -22.45 27.64
N MET E 302 -4.31 -21.69 26.59
CA MET E 302 -3.28 -20.93 25.90
C MET E 302 -3.82 -19.56 25.52
N ARG E 303 -2.91 -18.59 25.45
CA ARG E 303 -3.23 -17.22 25.07
C ARG E 303 -2.81 -16.97 23.63
N VAL E 304 -3.77 -16.53 22.81
CA VAL E 304 -3.52 -16.22 21.41
C VAL E 304 -4.00 -14.81 21.11
N ARG E 305 -3.55 -14.27 19.98
CA ARG E 305 -4.01 -13.00 19.46
C ARG E 305 -4.67 -13.24 18.11
N PRO E 306 -5.99 -13.38 18.06
CA PRO E 306 -6.64 -13.82 16.82
C PRO E 306 -6.64 -12.74 15.76
N LYS E 307 -6.79 -13.18 14.51
CA LYS E 307 -7.02 -12.25 13.42
C LYS E 307 -8.35 -11.53 13.59
N CYS E 308 -9.38 -12.28 13.96
CA CYS E 308 -10.66 -11.66 14.28
C CYS E 308 -11.24 -12.34 15.51
N TYR E 309 -12.10 -11.62 16.22
CA TYR E 309 -12.75 -12.17 17.40
C TYR E 309 -14.17 -11.64 17.46
N GLY E 310 -15.13 -12.50 17.78
CA GLY E 310 -16.48 -12.00 17.81
C GLY E 310 -17.45 -12.96 18.46
N PHE E 311 -18.69 -12.51 18.56
CA PHE E 311 -19.83 -13.32 18.95
C PHE E 311 -20.87 -13.13 17.87
N SER E 312 -21.17 -14.19 17.12
CA SER E 312 -21.99 -14.05 15.93
C SER E 312 -22.88 -15.27 15.77
N ARG E 313 -23.82 -15.15 14.83
CA ARG E 313 -24.77 -16.22 14.53
C ARG E 313 -24.31 -16.94 13.26
N MET E 314 -24.10 -18.24 13.39
CA MET E 314 -23.74 -19.13 12.30
C MET E 314 -24.88 -20.14 12.14
N MET E 315 -24.70 -21.10 11.24
CA MET E 315 -25.65 -22.19 11.08
C MET E 315 -24.95 -23.49 11.43
N ALA E 316 -25.50 -24.21 12.40
CA ALA E 316 -24.86 -25.40 12.92
C ALA E 316 -25.80 -26.59 12.81
N THR E 317 -25.21 -27.78 12.78
CA THR E 317 -25.95 -29.03 12.67
C THR E 317 -25.71 -29.86 13.93
N LEU E 318 -26.77 -30.48 14.43
CA LEU E 318 -26.71 -31.24 15.67
C LEU E 318 -26.73 -32.74 15.38
N GLU E 319 -26.10 -33.50 16.27
CA GLU E 319 -26.06 -34.94 16.12
C GLU E 319 -27.43 -35.55 16.37
N VAL E 320 -27.80 -36.52 15.53
CA VAL E 320 -29.07 -37.24 15.66
C VAL E 320 -28.74 -38.69 15.97
N ASN E 321 -29.23 -39.18 17.10
CA ASN E 321 -28.96 -40.54 17.52
C ASN E 321 -29.83 -41.54 16.77
C1 NAG F . -12.92 -3.91 -6.36
C2 NAG F . -12.17 -4.06 -5.04
C3 NAG F . -11.10 -2.98 -4.92
C4 NAG F . -10.24 -2.90 -6.19
C5 NAG F . -11.09 -2.92 -7.45
C6 NAG F . -10.28 -3.07 -8.72
C7 NAG F . -13.20 -4.95 -3.00
C8 NAG F . -14.19 -4.69 -1.91
N2 NAG F . -13.09 -3.99 -3.92
O3 NAG F . -10.27 -3.26 -3.81
O4 NAG F . -9.58 -1.63 -6.14
O5 NAG F . -12.02 -4.01 -7.42
O6 NAG F . -10.39 -4.40 -9.23
O7 NAG F . -12.54 -5.97 -3.05
C1 NAG F . -8.14 -1.57 -6.31
C2 NAG F . -7.42 -2.88 -5.97
C3 NAG F . -6.39 -3.22 -7.06
C4 NAG F . -5.60 -1.98 -7.48
C5 NAG F . -6.52 -0.84 -7.87
C6 NAG F . -6.40 -0.43 -9.31
C7 NAG F . -6.29 -3.86 -4.03
C8 NAG F . -5.67 -3.59 -2.69
N2 NAG F . -6.78 -2.81 -4.67
O3 NAG F . -7.05 -3.79 -8.18
O4 NAG F . -4.71 -1.58 -6.44
O5 NAG F . -7.88 -1.22 -7.66
O6 NAG F . -7.68 -0.11 -9.86
O7 NAG F . -6.35 -5.00 -4.49
C1 MAN F . -3.41 -2.11 -6.74
C2 MAN F . -2.82 -2.83 -5.43
C3 MAN F . -1.92 -1.93 -4.59
C4 MAN F . -1.00 -1.11 -5.47
C5 MAN F . -1.86 -0.23 -6.35
C6 MAN F . -1.06 0.78 -7.15
O2 MAN F . -2.03 -3.96 -5.78
O3 MAN F . -1.14 -2.70 -3.68
O4 MAN F . -0.16 -0.30 -4.67
O5 MAN F . -2.54 -1.08 -7.28
O6 MAN F . -1.96 1.56 -7.92
C1 NAG G . -18.87 12.17 -12.27
C2 NAG G . -18.79 10.89 -13.15
C3 NAG G . -19.61 11.03 -14.43
C4 NAG G . -19.25 12.29 -15.19
C5 NAG G . -19.42 13.53 -14.32
C6 NAG G . -20.86 13.83 -13.94
C7 NAG G . -17.02 9.40 -13.98
C8 NAG G . -15.54 9.25 -14.22
N2 NAG G . -17.41 10.57 -13.46
O3 NAG G . -21.00 10.95 -14.15
O4 NAG G . -17.86 12.25 -15.52
O5 NAG G . -18.68 13.39 -13.10
O6 NAG G . -20.95 14.97 -13.12
O7 NAG G . -17.81 8.51 -14.24
C1 NAG G . -17.56 11.76 -16.84
C2 NAG G . -16.16 12.25 -17.21
C3 NAG G . -15.73 11.70 -18.56
C4 NAG G . -15.86 10.18 -18.58
C5 NAG G . -17.29 9.79 -18.20
C6 NAG G . -17.49 8.30 -18.09
C7 NAG G . -16.75 14.52 -18.00
C8 NAG G . -16.50 15.99 -17.82
N2 NAG G . -16.06 13.70 -17.19
O3 NAG G . -14.37 12.07 -18.82
O4 NAG G . -15.57 9.69 -19.88
O5 NAG G . -17.62 10.34 -16.91
O6 NAG G . -16.24 7.63 -17.89
O7 NAG G . -17.53 14.10 -18.85
C1 NAG H . 1.61 21.74 26.37
C2 NAG H . 0.89 23.08 26.53
C3 NAG H . -0.45 22.88 27.21
C4 NAG H . -1.27 21.83 26.46
C5 NAG H . -0.47 20.55 26.29
C6 NAG H . -1.18 19.51 25.46
C7 NAG H . 1.94 25.27 26.87
C8 NAG H . 2.81 26.11 27.77
N2 NAG H . 1.72 24.02 27.28
O3 NAG H . -1.15 24.11 27.24
O4 NAG H . -2.47 21.56 27.18
O5 NAG H . 0.78 20.84 25.64
O6 NAG H . -1.05 19.78 24.08
O7 NAG H . 1.49 25.72 25.83
#